data_4KZ0
#
_entry.id   4KZ0
#
_cell.length_a   142.635
_cell.length_b   67.322
_cell.length_c   106.347
_cell.angle_alpha   90.00
_cell.angle_beta   96.37
_cell.angle_gamma   90.00
#
_symmetry.space_group_name_H-M   'C 1 2 1'
#
loop_
_entity.id
_entity.type
_entity.pdbx_description
1 polymer 'Phosphatidylinositol 4,5-bisphosphate 3-kinase catalytic subunit gamma isoform'
2 non-polymer 'methyl 2-(acetylamino)-1,3-benzothiazole-6-carboxylate'
3 non-polymer 'SULFATE ION'
4 water water
#
_entity_poly.entity_id   1
_entity_poly.type   'polypeptide(L)'
_entity_poly.pdbx_seq_one_letter_code
;MSEESQAFQRQLTALIGYDVTDVSNVHDDELEFTRRGLVTPRMAEVASRDPKLYAMHPWVTSKPLPEYLWKKIANNCIFI
VIHRSTTSQTIKVSPDDTPGAILQSFFTKMAKKKSLMDIPESQSEQDFVLRVCGRDEYLVGETPIKNFQWVRHCLKNGEE
IHVVLDTPPDPALDEVRKEEWPLVDDCTGVTGYHEQLTIHGKDHESVFTVSLWDCDRKFRVKIRGIDIPVLPRNTDLTVF
VEANIQHGQQVLCQRRTSPKPFTEEVLWNVWLEFSIKIKDLPKGALLNLQIYCGKAPALSSKASAESPSSESKGKVRLLY
YVNLLLIDHRFLLRRGEYVLHMWQISGKGEDQGSFNADKLTSATNPDKENSMSISILLDNYCHPIALPKHQPTPDPEGDR
VRAEMPNQLRKQLEAIIATDPLNPLTAEDKELLWHFRYESLKHPKAYPKLFSSVKWGQQEIVAKTYQLLARREVWDQSAL
DVGLTMQLLDCNFSDENVRAIAVQKLESLEDDDVLHYLLQLVQAVKFEPYHDSALARFLLKRGLRNKRIGHFLFWFLRSE
IAQSRHYQQRFAVILEAYLRGCGTAMLHDFTQQVQVIEMLQKVTLDIKSLSAEKYDVSSQVISQLKQKLENLQNSQLPES
FRVPYDPGLKAGALAIEKCKVMASKKKPLWLEFKCADPTALSNETIGIIFKHGDDLRQDMLILQILRIMESIWETESLDL
CLLPYGCISTGDKIGMIEIVKDATTIAKIQQSTVGNTGAFKDEVLNHWLKEKSPTEEKFQAAVERFVYSCAGYCVATFVL
GIGDRHNDNIMITETGNLFHIDFGHILGNYKSFLGINKERVPFVLTPDFLFVMGTSGKKTSPHFQKFQDICVKAYLALRH
HTNLLIILFSMMLMTGMPQLTSKEDIEYIRDALTVGKNEEDAKKYFLDQIEVCRDKGWTVQFNWFLHLVLGIKQGEKHSA
HHHHHH
;
_entity_poly.pdbx_strand_id   A
#
loop_
_chem_comp.id
_chem_comp.type
_chem_comp.name
_chem_comp.formula
1UJ non-polymer 'methyl 2-(acetylamino)-1,3-benzothiazole-6-carboxylate' 'C11 H10 N2 O3 S'
SO4 non-polymer 'SULFATE ION' 'O4 S -2'
#
# COMPACT_ATOMS: atom_id res chain seq x y z
N SER A 2 1.44 16.95 -33.76
CA SER A 2 2.34 16.33 -34.73
C SER A 2 2.24 14.79 -34.77
N GLU A 3 2.75 14.17 -35.87
CA GLU A 3 2.75 12.71 -36.10
C GLU A 3 3.53 11.92 -35.04
N GLU A 4 4.69 12.45 -34.59
CA GLU A 4 5.53 11.84 -33.56
C GLU A 4 4.98 12.11 -32.15
N SER A 5 4.09 13.12 -32.03
CA SER A 5 3.43 13.46 -30.77
C SER A 5 2.22 12.54 -30.60
N GLN A 6 1.53 12.21 -31.72
CA GLN A 6 0.35 11.33 -31.78
C GLN A 6 0.74 9.87 -31.43
N ALA A 7 1.96 9.44 -31.81
CA ALA A 7 2.50 8.11 -31.53
C ALA A 7 2.96 8.00 -30.09
N PHE A 8 3.48 9.10 -29.50
CA PHE A 8 3.95 9.18 -28.10
C PHE A 8 2.79 8.90 -27.14
N GLN A 9 1.60 9.40 -27.46
CA GLN A 9 0.37 9.20 -26.69
C GLN A 9 -0.11 7.72 -26.73
N ARG A 10 0.17 6.99 -27.85
CA ARG A 10 -0.19 5.58 -27.99
C ARG A 10 0.74 4.69 -27.17
N GLN A 11 1.98 5.18 -26.93
CA GLN A 11 2.99 4.51 -26.11
C GLN A 11 2.58 4.70 -24.66
N LEU A 12 2.06 5.90 -24.33
CA LEU A 12 1.58 6.26 -23.00
C LEU A 12 0.35 5.38 -22.68
N THR A 13 -0.67 5.38 -23.56
CA THR A 13 -1.90 4.61 -23.42
C THR A 13 -1.65 3.13 -23.10
N ALA A 14 -0.71 2.48 -23.84
CA ALA A 14 -0.36 1.07 -23.67
C ALA A 14 0.32 0.85 -22.33
N LEU A 15 1.15 1.83 -21.91
CA LEU A 15 1.86 1.78 -20.63
C LEU A 15 0.91 1.95 -19.47
N ILE A 16 0.01 2.98 -19.51
CA ILE A 16 -0.97 3.36 -18.48
C ILE A 16 -2.02 2.26 -18.33
N GLY A 17 -2.55 1.80 -19.45
CA GLY A 17 -3.59 0.77 -19.53
C GLY A 17 -4.95 1.43 -19.68
N TYR A 18 -4.94 2.76 -19.91
CA TYR A 18 -6.10 3.62 -20.07
C TYR A 18 -5.82 4.81 -21.03
N ASP A 19 -6.76 5.07 -21.96
CA ASP A 19 -6.69 6.18 -22.90
C ASP A 19 -7.19 7.46 -22.22
N VAL A 20 -6.22 8.26 -21.74
CA VAL A 20 -6.40 9.53 -21.03
C VAL A 20 -7.02 10.61 -21.96
N THR A 21 -6.84 10.47 -23.30
CA THR A 21 -7.42 11.38 -24.29
C THR A 21 -8.79 10.84 -24.74
N ASP A 22 -9.61 10.46 -23.75
CA ASP A 22 -10.97 9.96 -23.91
C ASP A 22 -11.87 10.91 -23.15
N VAL A 23 -12.90 11.41 -23.84
CA VAL A 23 -13.86 12.36 -23.27
C VAL A 23 -15.29 11.82 -23.35
N SER A 24 -15.43 10.52 -23.65
CA SER A 24 -16.73 9.86 -23.78
C SER A 24 -17.41 9.56 -22.43
N ASN A 25 -16.70 9.83 -21.30
CA ASN A 25 -17.26 9.61 -19.96
C ASN A 25 -16.99 10.80 -19.01
N VAL A 26 -17.37 12.01 -19.43
CA VAL A 26 -17.21 13.24 -18.65
C VAL A 26 -18.33 14.22 -18.95
N HIS A 27 -18.70 14.98 -17.90
CA HIS A 27 -19.73 16.03 -17.91
C HIS A 27 -19.07 17.41 -17.72
N ASP A 28 -17.72 17.40 -17.64
CA ASP A 28 -16.88 18.58 -17.47
C ASP A 28 -15.47 18.28 -18.00
N ASP A 29 -14.59 19.28 -17.92
CA ASP A 29 -13.21 19.19 -18.38
C ASP A 29 -12.27 19.11 -17.19
N GLU A 30 -12.67 18.36 -16.14
CA GLU A 30 -11.84 18.20 -14.93
C GLU A 30 -10.53 17.42 -15.17
N LEU A 31 -10.60 16.27 -15.83
CA LEU A 31 -9.41 15.46 -16.13
C LEU A 31 -8.42 16.20 -17.07
N GLU A 32 -8.95 16.90 -18.09
CA GLU A 32 -8.16 17.69 -19.04
C GLU A 32 -7.53 18.91 -18.36
N PHE A 33 -8.28 19.54 -17.45
CA PHE A 33 -7.83 20.67 -16.65
C PHE A 33 -6.68 20.19 -15.73
N THR A 34 -6.71 18.90 -15.33
CA THR A 34 -5.74 18.28 -14.43
C THR A 34 -4.51 17.83 -15.19
N ARG A 35 -4.65 17.28 -16.41
CA ARG A 35 -3.51 16.89 -17.28
C ARG A 35 -2.69 18.15 -17.49
N ARG A 36 -3.40 19.24 -17.90
CA ARG A 36 -2.87 20.57 -18.13
C ARG A 36 -2.31 21.21 -16.85
N GLY A 37 -3.04 21.08 -15.73
CA GLY A 37 -2.65 21.63 -14.44
C GLY A 37 -1.35 21.04 -13.89
N LEU A 38 -1.13 19.75 -14.16
CA LEU A 38 0.04 19.00 -13.69
C LEU A 38 1.32 19.22 -14.52
N VAL A 39 1.22 19.87 -15.70
CA VAL A 39 2.34 20.15 -16.61
C VAL A 39 3.47 20.95 -15.93
N THR A 40 3.10 21.94 -15.12
CA THR A 40 4.02 22.80 -14.36
C THR A 40 4.74 21.99 -13.25
N PRO A 41 4.07 21.29 -12.26
CA PRO A 41 4.85 20.53 -11.26
C PRO A 41 5.72 19.40 -11.83
N ARG A 42 5.35 18.89 -13.03
CA ARG A 42 6.07 17.87 -13.80
C ARG A 42 7.37 18.46 -14.34
N MET A 43 7.28 19.58 -15.10
CA MET A 43 8.44 20.29 -15.68
C MET A 43 9.33 20.91 -14.61
N ALA A 44 8.73 21.34 -13.49
CA ALA A 44 9.45 21.91 -12.35
C ALA A 44 10.34 20.88 -11.63
N GLU A 45 9.89 19.61 -11.52
CA GLU A 45 10.69 18.56 -10.84
C GLU A 45 11.76 17.96 -11.76
N VAL A 46 11.48 17.86 -13.07
CA VAL A 46 12.44 17.39 -14.09
C VAL A 46 13.65 18.38 -14.10
N ALA A 47 13.33 19.70 -14.16
CA ALA A 47 14.31 20.77 -14.15
C ALA A 47 15.07 20.92 -12.80
N SER A 48 14.47 20.57 -11.66
CA SER A 48 15.12 20.66 -10.34
C SER A 48 16.05 19.49 -9.96
N ARG A 49 15.88 18.30 -10.57
CA ARG A 49 16.65 17.11 -10.18
C ARG A 49 18.07 17.04 -10.75
N ASP A 50 19.04 16.65 -9.88
CA ASP A 50 20.45 16.43 -10.19
C ASP A 50 20.47 15.32 -11.25
N PRO A 51 21.03 15.54 -12.45
CA PRO A 51 20.97 14.48 -13.48
C PRO A 51 21.84 13.26 -13.14
N LYS A 52 23.00 13.49 -12.49
CA LYS A 52 23.97 12.46 -12.08
C LYS A 52 23.46 11.56 -10.94
N LEU A 53 22.72 12.13 -9.98
CA LEU A 53 22.18 11.40 -8.83
C LEU A 53 20.81 10.76 -9.11
N TYR A 54 20.06 11.28 -10.11
CA TYR A 54 18.79 10.71 -10.52
C TYR A 54 19.06 9.41 -11.28
N ALA A 55 20.04 9.43 -12.20
CA ALA A 55 20.48 8.29 -13.01
C ALA A 55 20.95 7.09 -12.17
N MET A 56 21.50 7.36 -10.96
CA MET A 56 22.06 6.36 -10.06
C MET A 56 21.21 6.05 -8.84
N HIS A 57 20.14 6.84 -8.61
CA HIS A 57 19.15 6.67 -7.54
C HIS A 57 19.72 6.14 -6.20
N PRO A 58 20.77 6.72 -5.59
CA PRO A 58 21.28 6.15 -4.33
C PRO A 58 20.17 5.95 -3.31
N TRP A 59 20.02 4.73 -2.80
CA TRP A 59 18.98 4.44 -1.81
C TRP A 59 19.61 4.55 -0.41
N VAL A 60 19.30 5.67 0.31
CA VAL A 60 19.87 5.97 1.63
C VAL A 60 18.87 6.43 2.69
N THR A 61 19.29 6.32 3.96
CA THR A 61 18.55 6.72 5.15
C THR A 61 19.37 7.56 6.13
N SER A 62 18.74 8.54 6.76
CA SER A 62 19.37 9.39 7.78
C SER A 62 18.99 8.92 9.20
N LYS A 63 18.23 7.81 9.30
CA LYS A 63 17.79 7.21 10.56
C LYS A 63 19.01 6.71 11.37
N PRO A 64 19.00 6.81 12.73
CA PRO A 64 20.17 6.30 13.50
C PRO A 64 20.39 4.81 13.29
N LEU A 65 21.64 4.42 12.92
CA LEU A 65 22.03 3.03 12.67
C LEU A 65 21.55 2.13 13.83
N PRO A 66 20.71 1.09 13.56
CA PRO A 66 20.16 0.27 14.67
C PRO A 66 21.18 -0.31 15.64
N GLU A 67 20.77 -0.42 16.92
CA GLU A 67 21.59 -0.93 18.03
C GLU A 67 22.00 -2.39 17.82
N TYR A 68 21.05 -3.24 17.35
CA TYR A 68 21.28 -4.65 17.04
C TYR A 68 22.32 -4.79 15.92
N LEU A 69 22.24 -3.92 14.90
CA LEU A 69 23.15 -3.90 13.75
C LEU A 69 24.54 -3.25 14.03
N TRP A 70 24.64 -2.33 15.04
CA TRP A 70 25.93 -1.72 15.42
C TRP A 70 26.80 -2.78 16.10
N LYS A 71 26.12 -3.68 16.85
CA LYS A 71 26.69 -4.83 17.54
C LYS A 71 27.21 -5.88 16.54
N LYS A 72 26.64 -5.94 15.30
CA LYS A 72 27.04 -6.86 14.22
C LYS A 72 28.50 -6.65 13.80
N ILE A 73 28.99 -5.42 13.95
CA ILE A 73 30.38 -5.09 13.67
C ILE A 73 31.17 -5.25 14.95
N ALA A 74 32.39 -5.83 14.83
CA ALA A 74 33.38 -5.89 15.91
C ALA A 74 33.95 -4.47 15.69
N ASN A 75 33.15 -3.50 16.19
CA ASN A 75 33.04 -2.05 16.07
C ASN A 75 34.13 -1.25 15.28
N ASN A 76 33.70 -0.05 14.82
CA ASN A 76 34.49 1.04 14.23
C ASN A 76 35.10 0.86 12.80
N CYS A 77 35.59 -0.33 12.44
CA CYS A 77 36.16 -0.55 11.10
C CYS A 77 35.66 -1.85 10.50
N ILE A 78 34.79 -1.72 9.47
CA ILE A 78 34.17 -2.87 8.79
C ILE A 78 34.63 -3.03 7.34
N PHE A 79 34.82 -4.29 6.91
CA PHE A 79 35.33 -4.61 5.56
C PHE A 79 34.23 -4.98 4.53
N ILE A 80 34.48 -4.60 3.27
CA ILE A 80 33.63 -4.77 2.07
C ILE A 80 34.52 -5.24 0.87
N VAL A 81 33.98 -6.08 -0.03
CA VAL A 81 34.70 -6.59 -1.20
C VAL A 81 34.40 -5.79 -2.48
N ILE A 82 35.45 -5.39 -3.20
CA ILE A 82 35.38 -4.66 -4.47
C ILE A 82 35.92 -5.55 -5.60
N HIS A 83 35.22 -5.56 -6.73
CA HIS A 83 35.53 -6.35 -7.91
C HIS A 83 35.83 -5.43 -9.07
N ARG A 84 36.63 -5.93 -10.02
CA ARG A 84 37.04 -5.27 -11.25
C ARG A 84 37.90 -6.27 -12.04
N SER A 85 37.24 -7.19 -12.77
CA SER A 85 37.81 -8.20 -13.67
C SER A 85 38.58 -9.34 -12.96
N THR A 86 37.96 -10.04 -11.96
CA THR A 86 38.57 -11.16 -11.19
C THR A 86 39.70 -10.63 -10.27
N THR A 87 39.86 -9.28 -10.22
CA THR A 87 40.76 -8.57 -9.31
C THR A 87 39.78 -8.20 -8.21
N SER A 88 39.86 -8.93 -7.09
CA SER A 88 38.95 -8.73 -5.98
C SER A 88 39.72 -8.54 -4.70
N GLN A 89 39.65 -7.34 -4.13
CA GLN A 89 40.33 -7.04 -2.88
C GLN A 89 39.36 -6.53 -1.82
N THR A 90 39.41 -7.13 -0.63
CA THR A 90 38.61 -6.78 0.52
C THR A 90 39.27 -5.57 1.19
N ILE A 91 38.49 -4.52 1.47
CA ILE A 91 38.99 -3.28 2.07
C ILE A 91 38.27 -2.97 3.39
N LYS A 92 39.05 -2.76 4.47
CA LYS A 92 38.54 -2.36 5.78
C LYS A 92 38.24 -0.85 5.70
N VAL A 93 36.95 -0.48 5.80
CA VAL A 93 36.46 0.91 5.70
C VAL A 93 35.69 1.32 6.95
N SER A 94 35.84 2.58 7.37
CA SER A 94 35.13 3.11 8.56
C SER A 94 33.63 3.32 8.26
N PRO A 95 32.70 3.09 9.23
CA PRO A 95 31.27 3.27 8.94
C PRO A 95 30.86 4.69 8.59
N ASP A 96 31.66 5.67 9.03
CA ASP A 96 31.40 7.08 8.77
C ASP A 96 32.13 7.58 7.50
N ASP A 97 32.55 6.64 6.62
CA ASP A 97 33.26 6.98 5.37
C ASP A 97 32.35 7.19 4.17
N THR A 98 32.51 8.35 3.49
CA THR A 98 31.80 8.73 2.27
C THR A 98 32.27 7.79 1.12
N PRO A 99 31.43 7.45 0.09
CA PRO A 99 31.91 6.57 -0.99
C PRO A 99 33.21 7.03 -1.67
N GLY A 100 33.38 8.36 -1.79
CA GLY A 100 34.56 9.01 -2.36
C GLY A 100 35.84 8.73 -1.62
N ALA A 101 35.76 8.59 -0.28
CA ALA A 101 36.90 8.29 0.59
C ALA A 101 37.44 6.90 0.28
N ILE A 102 36.53 5.96 -0.05
CA ILE A 102 36.83 4.58 -0.44
C ILE A 102 37.27 4.58 -1.93
N LEU A 103 36.71 5.51 -2.74
CA LEU A 103 37.05 5.70 -4.16
C LEU A 103 38.50 6.19 -4.34
N GLN A 104 38.95 7.14 -3.48
CA GLN A 104 40.31 7.65 -3.50
C GLN A 104 41.29 6.78 -2.69
N SER A 105 40.74 5.81 -1.92
CA SER A 105 41.51 4.81 -1.15
C SER A 105 41.99 3.72 -2.12
N PHE A 106 41.35 3.63 -3.32
CA PHE A 106 41.68 2.68 -4.38
C PHE A 106 43.03 3.00 -5.03
N PHE A 107 43.38 4.31 -5.17
CA PHE A 107 44.67 4.77 -5.73
C PHE A 107 45.81 4.34 -4.79
N THR A 108 45.57 4.42 -3.46
CA THR A 108 46.47 4.04 -2.38
C THR A 108 46.59 2.51 -2.31
N LYS A 109 45.44 1.80 -2.43
CA LYS A 109 45.35 0.34 -2.38
C LYS A 109 46.00 -0.36 -3.59
N MET A 110 45.71 0.11 -4.82
CA MET A 110 46.25 -0.45 -6.06
C MET A 110 46.33 0.61 -7.17
N GLN A 126 35.31 10.00 -9.40
CA GLN A 126 36.47 10.12 -10.27
C GLN A 126 36.04 9.98 -11.73
N ASP A 127 36.22 8.77 -12.27
CA ASP A 127 35.93 8.34 -13.64
C ASP A 127 35.13 7.02 -13.53
N PHE A 128 35.09 6.44 -12.31
CA PHE A 128 34.44 5.17 -11.96
C PHE A 128 33.60 5.30 -10.66
N VAL A 129 32.53 4.47 -10.54
CA VAL A 129 31.58 4.43 -9.40
C VAL A 129 31.44 3.01 -8.79
N LEU A 130 31.12 2.92 -7.48
CA LEU A 130 30.92 1.64 -6.77
C LEU A 130 29.48 1.14 -6.98
N ARG A 131 29.31 0.03 -7.72
CA ARG A 131 27.99 -0.56 -7.98
C ARG A 131 27.90 -1.93 -7.33
N VAL A 132 26.74 -2.32 -6.80
CA VAL A 132 26.56 -3.64 -6.16
C VAL A 132 26.53 -4.76 -7.20
N CYS A 133 27.16 -5.90 -6.88
CA CYS A 133 27.23 -7.08 -7.75
C CYS A 133 25.84 -7.70 -7.97
N GLY A 134 25.43 -7.82 -9.24
CA GLY A 134 24.17 -8.42 -9.66
C GLY A 134 22.99 -7.49 -9.85
N ARG A 135 23.00 -6.34 -9.15
CA ARG A 135 21.90 -5.38 -9.24
C ARG A 135 22.34 -3.95 -9.57
N ASP A 136 21.39 -3.15 -10.09
CA ASP A 136 21.60 -1.76 -10.45
C ASP A 136 21.40 -0.91 -9.21
N GLU A 137 22.37 -0.97 -8.29
CA GLU A 137 22.36 -0.25 -7.03
C GLU A 137 23.73 0.29 -6.71
N TYR A 138 23.94 1.55 -7.08
CA TYR A 138 25.17 2.32 -6.93
C TYR A 138 25.30 2.93 -5.53
N LEU A 139 26.50 2.76 -4.94
CA LEU A 139 26.92 3.29 -3.62
C LEU A 139 27.63 4.64 -3.88
N VAL A 140 26.82 5.70 -4.13
CA VAL A 140 27.22 7.04 -4.54
C VAL A 140 26.53 8.18 -3.71
N GLY A 141 27.02 9.41 -3.85
CA GLY A 141 26.54 10.60 -3.15
C GLY A 141 27.30 10.89 -1.86
N GLU A 142 27.23 12.14 -1.34
CA GLU A 142 27.94 12.48 -0.10
C GLU A 142 27.19 11.94 1.15
N THR A 143 27.34 10.63 1.43
CA THR A 143 26.67 9.91 2.52
C THR A 143 27.63 8.87 3.18
N PRO A 144 27.65 8.71 4.54
CA PRO A 144 28.51 7.66 5.14
C PRO A 144 27.98 6.28 4.79
N ILE A 145 28.87 5.32 4.49
CA ILE A 145 28.49 3.97 4.04
C ILE A 145 27.50 3.28 4.98
N LYS A 146 27.48 3.65 6.28
CA LYS A 146 26.55 3.10 7.27
C LYS A 146 25.08 3.47 6.94
N ASN A 147 24.88 4.55 6.17
CA ASN A 147 23.56 5.07 5.78
C ASN A 147 23.02 4.50 4.45
N PHE A 148 23.80 3.64 3.76
CA PHE A 148 23.33 2.97 2.54
C PHE A 148 22.48 1.77 2.97
N GLN A 149 21.33 1.57 2.30
CA GLN A 149 20.39 0.51 2.66
C GLN A 149 20.90 -0.90 2.37
N TRP A 150 21.73 -1.05 1.33
CA TRP A 150 22.29 -2.33 0.94
C TRP A 150 23.23 -2.87 2.01
N VAL A 151 24.13 -2.00 2.52
CA VAL A 151 25.13 -2.27 3.57
C VAL A 151 24.43 -2.80 4.83
N ARG A 152 23.36 -2.09 5.29
CA ARG A 152 22.52 -2.43 6.45
C ARG A 152 21.81 -3.77 6.27
N HIS A 153 21.42 -4.09 5.02
CA HIS A 153 20.75 -5.34 4.63
C HIS A 153 21.71 -6.49 4.78
N CYS A 154 22.95 -6.32 4.26
CA CYS A 154 24.03 -7.32 4.29
C CYS A 154 24.47 -7.62 5.73
N LEU A 155 24.66 -6.56 6.56
CA LEU A 155 25.05 -6.66 7.97
C LEU A 155 24.13 -7.57 8.77
N LYS A 156 22.81 -7.29 8.70
CA LYS A 156 21.75 -8.01 9.40
C LYS A 156 21.59 -9.47 8.94
N ASN A 157 21.81 -9.71 7.64
CA ASN A 157 21.70 -11.03 6.99
C ASN A 157 22.91 -11.93 7.25
N GLY A 158 24.02 -11.32 7.68
CA GLY A 158 25.29 -12.02 7.90
C GLY A 158 25.92 -12.34 6.56
N GLU A 159 25.68 -11.44 5.60
CA GLU A 159 26.10 -11.53 4.20
C GLU A 159 27.27 -10.56 3.93
N GLU A 160 28.16 -10.95 3.00
CA GLU A 160 29.34 -10.19 2.61
C GLU A 160 28.98 -9.10 1.58
N ILE A 161 29.43 -7.85 1.81
CA ILE A 161 29.17 -6.70 0.93
C ILE A 161 30.05 -6.77 -0.34
N HIS A 162 29.44 -7.11 -1.48
CA HIS A 162 30.17 -7.21 -2.74
C HIS A 162 29.76 -6.14 -3.75
N VAL A 163 30.75 -5.35 -4.20
CA VAL A 163 30.59 -4.25 -5.15
C VAL A 163 31.59 -4.43 -6.31
N VAL A 164 31.25 -3.91 -7.51
CA VAL A 164 32.05 -3.94 -8.72
C VAL A 164 32.38 -2.49 -9.18
N LEU A 165 33.63 -2.22 -9.59
CA LEU A 165 34.06 -0.89 -10.02
C LEU A 165 33.53 -0.50 -11.39
N ASP A 166 32.23 -0.19 -11.42
CA ASP A 166 31.51 0.21 -12.63
C ASP A 166 31.82 1.67 -13.00
N THR A 167 31.25 2.14 -14.11
CA THR A 167 31.39 3.51 -14.60
C THR A 167 30.03 4.20 -14.34
N PRO A 168 29.97 5.55 -14.16
CA PRO A 168 28.67 6.19 -13.92
C PRO A 168 27.68 6.15 -15.10
N PRO A 169 26.41 5.70 -14.91
CA PRO A 169 25.45 5.67 -16.03
C PRO A 169 25.12 7.08 -16.55
N ASP A 170 25.13 7.24 -17.88
CA ASP A 170 24.92 8.51 -18.59
C ASP A 170 23.54 9.18 -18.30
N PRO A 171 23.53 10.41 -17.70
CA PRO A 171 22.26 11.11 -17.44
C PRO A 171 21.51 11.53 -18.71
N ALA A 172 22.13 11.31 -19.87
CA ALA A 172 21.57 11.60 -21.20
C ALA A 172 20.61 10.48 -21.64
N LEU A 173 20.63 9.36 -20.91
CA LEU A 173 19.77 8.21 -21.17
C LEU A 173 18.40 8.47 -20.54
N ASP A 174 18.35 9.45 -19.62
CA ASP A 174 17.16 9.94 -18.91
C ASP A 174 16.60 11.20 -19.61
N GLU A 175 16.74 11.24 -20.96
CA GLU A 175 16.27 12.33 -21.81
C GLU A 175 14.75 12.46 -21.77
N VAL A 176 14.26 13.70 -21.64
CA VAL A 176 12.84 14.04 -21.53
C VAL A 176 12.36 14.83 -22.78
N ARG A 177 11.14 14.53 -23.27
CA ARG A 177 10.50 15.24 -24.39
C ARG A 177 10.14 16.69 -23.94
N LYS A 178 10.28 17.66 -24.86
CA LYS A 178 10.09 19.09 -24.60
C LYS A 178 8.65 19.57 -24.28
N GLU A 179 7.67 19.28 -25.16
CA GLU A 179 6.28 19.73 -25.13
C GLU A 179 5.58 19.66 -23.75
N GLU A 180 4.57 20.56 -23.58
CA GLU A 180 3.73 20.70 -22.38
C GLU A 180 2.92 19.43 -22.07
N VAL A 210 -14.58 33.20 -3.12
CA VAL A 210 -15.87 32.48 -3.09
C VAL A 210 -16.31 32.12 -4.55
N SER A 211 -17.63 31.94 -4.82
CA SER A 211 -18.19 31.64 -6.14
C SER A 211 -19.30 32.65 -6.43
N LEU A 212 -19.48 33.07 -7.69
CA LEU A 212 -20.47 34.12 -7.95
C LEU A 212 -21.50 33.75 -9.05
N TRP A 213 -22.53 33.04 -8.57
CA TRP A 213 -23.80 32.57 -9.09
C TRP A 213 -24.61 32.56 -7.79
N ASP A 214 -23.84 32.68 -6.68
CA ASP A 214 -24.21 32.72 -5.26
C ASP A 214 -25.10 33.89 -4.87
N CYS A 215 -26.14 33.55 -4.12
CA CYS A 215 -27.17 34.42 -3.56
C CYS A 215 -27.74 33.70 -2.32
N ASP A 216 -28.54 34.41 -1.53
CA ASP A 216 -29.16 33.92 -0.29
C ASP A 216 -30.12 32.72 -0.49
N ARG A 217 -30.71 32.54 -1.69
CA ARG A 217 -31.66 31.47 -1.98
C ARG A 217 -31.20 30.06 -1.53
N LYS A 218 -32.13 29.23 -1.00
CA LYS A 218 -31.83 27.85 -0.58
C LYS A 218 -31.57 27.02 -1.83
N PHE A 219 -30.55 26.13 -1.77
CA PHE A 219 -30.18 25.27 -2.89
C PHE A 219 -31.27 24.27 -3.28
N ARG A 220 -31.57 24.19 -4.60
CA ARG A 220 -32.54 23.25 -5.14
C ARG A 220 -31.97 22.46 -6.33
N VAL A 221 -32.42 21.21 -6.46
CA VAL A 221 -32.04 20.31 -7.54
C VAL A 221 -33.31 19.64 -8.11
N LYS A 222 -33.47 19.68 -9.45
CA LYS A 222 -34.62 19.07 -10.12
C LYS A 222 -34.29 17.66 -10.56
N ILE A 223 -34.93 16.68 -9.91
CA ILE A 223 -34.80 15.25 -10.21
C ILE A 223 -35.89 14.94 -11.27
N ARG A 224 -35.47 14.78 -12.53
CA ARG A 224 -36.34 14.50 -13.66
C ARG A 224 -36.81 13.04 -13.73
N GLY A 225 -35.91 12.13 -13.39
CA GLY A 225 -36.19 10.70 -13.39
C GLY A 225 -34.99 9.82 -13.67
N ILE A 226 -35.21 8.49 -13.68
CA ILE A 226 -34.20 7.44 -13.89
C ILE A 226 -34.49 6.54 -15.10
N ASP A 227 -33.44 5.94 -15.73
CA ASP A 227 -33.58 5.03 -16.86
C ASP A 227 -32.53 3.92 -16.90
N ILE A 228 -33.02 2.66 -16.80
CA ILE A 228 -32.27 1.41 -16.91
C ILE A 228 -32.68 0.75 -18.25
N PRO A 229 -31.76 0.10 -19.02
CA PRO A 229 -32.19 -0.54 -20.28
C PRO A 229 -33.17 -1.70 -20.03
N VAL A 230 -32.79 -2.66 -19.13
CA VAL A 230 -33.61 -3.82 -18.76
C VAL A 230 -33.80 -3.84 -17.23
N LEU A 237 -39.84 -3.70 -5.88
CA LEU A 237 -40.79 -2.93 -5.06
C LEU A 237 -41.09 -1.58 -5.76
N THR A 238 -41.11 -0.47 -4.99
CA THR A 238 -41.27 0.93 -5.41
C THR A 238 -39.88 1.56 -5.35
N VAL A 239 -39.62 2.61 -6.14
CA VAL A 239 -38.28 3.19 -6.16
C VAL A 239 -38.29 4.71 -5.86
N PHE A 240 -37.46 5.13 -4.88
CA PHE A 240 -37.24 6.52 -4.52
C PHE A 240 -35.75 6.88 -4.65
N VAL A 241 -35.49 8.15 -4.96
CA VAL A 241 -34.17 8.76 -5.15
C VAL A 241 -33.85 9.57 -3.86
N GLU A 242 -32.63 9.39 -3.33
CA GLU A 242 -32.15 10.11 -2.16
C GLU A 242 -31.07 11.12 -2.58
N ALA A 243 -31.28 12.38 -2.24
CA ALA A 243 -30.35 13.46 -2.54
C ALA A 243 -29.78 13.98 -1.23
N ASN A 244 -28.45 13.77 -1.05
CA ASN A 244 -27.69 14.14 0.14
C ASN A 244 -26.59 15.09 -0.23
N ILE A 245 -26.42 16.16 0.55
CA ILE A 245 -25.32 17.09 0.34
C ILE A 245 -24.26 16.66 1.35
N GLN A 246 -23.18 16.01 0.86
CA GLN A 246 -22.10 15.46 1.68
C GLN A 246 -20.81 16.30 1.65
N HIS A 247 -20.13 16.37 2.79
CA HIS A 247 -18.84 17.04 2.95
C HIS A 247 -18.14 16.27 4.03
N GLY A 248 -17.10 15.55 3.61
CA GLY A 248 -16.29 14.70 4.49
C GLY A 248 -17.12 13.62 5.15
N GLN A 249 -17.96 12.93 4.33
CA GLN A 249 -18.88 11.86 4.73
C GLN A 249 -20.07 12.36 5.61
N GLN A 250 -19.91 13.52 6.28
CA GLN A 250 -20.90 14.20 7.12
C GLN A 250 -21.99 14.80 6.20
N VAL A 251 -23.22 14.29 6.32
CA VAL A 251 -24.37 14.77 5.55
C VAL A 251 -24.81 16.12 6.09
N LEU A 252 -24.77 17.15 5.24
CA LEU A 252 -25.18 18.50 5.57
C LEU A 252 -26.71 18.59 5.55
N CYS A 253 -27.34 17.94 4.54
CA CYS A 253 -28.80 17.92 4.35
C CYS A 253 -29.18 16.71 3.50
N GLN A 254 -30.35 16.12 3.79
CA GLN A 254 -30.92 14.94 3.11
C GLN A 254 -32.37 15.20 2.65
N ARG A 255 -32.66 14.85 1.38
CA ARG A 255 -33.99 14.99 0.75
C ARG A 255 -34.31 13.74 -0.09
N ARG A 256 -35.53 13.20 0.04
CA ARG A 256 -35.98 12.03 -0.72
C ARG A 256 -37.13 12.39 -1.71
N THR A 257 -37.47 11.47 -2.63
CA THR A 257 -38.58 11.68 -3.59
C THR A 257 -39.75 10.80 -3.16
N SER A 258 -40.93 11.09 -3.74
CA SER A 258 -42.14 10.31 -3.52
C SER A 258 -41.92 8.95 -4.21
N PRO A 259 -41.98 7.80 -3.51
CA PRO A 259 -41.74 6.53 -4.22
C PRO A 259 -42.77 6.25 -5.32
N LYS A 260 -42.26 5.95 -6.54
CA LYS A 260 -43.07 5.63 -7.72
C LYS A 260 -42.84 4.17 -8.15
N PRO A 261 -43.73 3.53 -8.96
CA PRO A 261 -43.48 2.12 -9.35
C PRO A 261 -42.16 1.91 -10.10
N PHE A 262 -41.49 0.77 -9.82
CA PHE A 262 -40.22 0.41 -10.45
C PHE A 262 -40.42 0.05 -11.92
N THR A 263 -39.92 0.92 -12.82
CA THR A 263 -40.01 0.76 -14.28
C THR A 263 -38.75 1.23 -15.00
N GLU A 264 -38.54 0.77 -16.25
CA GLU A 264 -37.38 1.12 -17.09
C GLU A 264 -37.22 2.63 -17.31
N GLU A 265 -38.29 3.42 -17.10
CA GLU A 265 -38.27 4.88 -17.21
C GLU A 265 -39.17 5.46 -16.12
N VAL A 266 -38.59 5.88 -14.98
CA VAL A 266 -39.35 6.52 -13.90
C VAL A 266 -39.15 8.02 -14.06
N LEU A 267 -40.23 8.79 -13.91
CA LEU A 267 -40.21 10.25 -14.05
C LEU A 267 -40.88 10.90 -12.84
N TRP A 268 -40.35 12.06 -12.40
CA TRP A 268 -40.89 12.78 -11.24
C TRP A 268 -41.16 14.26 -11.53
N ASN A 269 -40.22 14.91 -12.26
CA ASN A 269 -40.21 16.34 -12.62
C ASN A 269 -40.31 17.25 -11.36
N VAL A 270 -39.76 16.73 -10.22
CA VAL A 270 -39.77 17.33 -8.87
C VAL A 270 -38.55 18.20 -8.61
N TRP A 271 -38.78 19.30 -7.88
CA TRP A 271 -37.74 20.22 -7.41
C TRP A 271 -37.52 19.87 -5.96
N LEU A 272 -36.27 19.57 -5.59
CA LEU A 272 -35.91 19.25 -4.21
C LEU A 272 -35.16 20.42 -3.59
N GLU A 273 -35.88 21.23 -2.81
CA GLU A 273 -35.31 22.39 -2.15
C GLU A 273 -34.68 21.91 -0.84
N PHE A 274 -33.42 22.29 -0.61
CA PHE A 274 -32.69 21.92 0.59
C PHE A 274 -32.79 23.05 1.61
N SER A 275 -32.22 22.85 2.82
CA SER A 275 -32.18 23.82 3.91
C SER A 275 -30.88 24.65 3.89
N ILE A 276 -29.98 24.37 2.92
CA ILE A 276 -28.68 25.04 2.79
C ILE A 276 -28.74 26.14 1.75
N LYS A 277 -28.30 27.34 2.11
CA LYS A 277 -28.24 28.45 1.17
C LYS A 277 -27.06 28.22 0.21
N ILE A 278 -27.17 28.73 -1.03
CA ILE A 278 -26.17 28.61 -2.09
C ILE A 278 -24.81 29.12 -1.60
N LYS A 279 -24.84 30.18 -0.77
CA LYS A 279 -23.66 30.81 -0.17
C LYS A 279 -22.98 29.93 0.89
N ASP A 280 -23.76 29.05 1.57
CA ASP A 280 -23.27 28.16 2.62
C ASP A 280 -22.57 26.89 2.09
N LEU A 281 -22.79 26.56 0.81
CA LEU A 281 -22.19 25.39 0.16
C LEU A 281 -20.66 25.46 0.18
N PRO A 282 -19.96 24.49 0.83
CA PRO A 282 -18.48 24.56 0.84
C PRO A 282 -17.87 23.87 -0.38
N LYS A 283 -16.72 24.39 -0.88
CA LYS A 283 -16.01 23.73 -1.99
C LYS A 283 -15.60 22.32 -1.50
N GLY A 284 -15.78 21.34 -2.36
CA GLY A 284 -15.45 19.96 -2.02
C GLY A 284 -16.65 19.19 -1.55
N ALA A 285 -17.83 19.85 -1.55
CA ALA A 285 -19.10 19.23 -1.19
C ALA A 285 -19.61 18.46 -2.38
N LEU A 286 -20.26 17.32 -2.12
CA LEU A 286 -20.82 16.44 -3.13
C LEU A 286 -22.34 16.36 -3.11
N LEU A 287 -22.95 16.24 -4.31
CA LEU A 287 -24.38 15.96 -4.42
C LEU A 287 -24.41 14.45 -4.64
N ASN A 288 -24.78 13.73 -3.59
CA ASN A 288 -24.86 12.27 -3.57
C ASN A 288 -26.26 11.85 -3.96
N LEU A 289 -26.38 11.17 -5.10
CA LEU A 289 -27.67 10.66 -5.57
C LEU A 289 -27.69 9.15 -5.40
N GLN A 290 -28.70 8.65 -4.69
CA GLN A 290 -28.83 7.23 -4.39
C GLN A 290 -30.22 6.69 -4.72
N ILE A 291 -30.32 5.44 -5.25
CA ILE A 291 -31.58 4.80 -5.64
C ILE A 291 -31.91 3.66 -4.68
N TYR A 292 -33.10 3.74 -4.04
CA TYR A 292 -33.57 2.76 -3.04
C TYR A 292 -34.78 1.93 -3.45
N CYS A 293 -34.83 0.68 -2.95
CA CYS A 293 -35.92 -0.28 -3.14
C CYS A 293 -37.09 0.20 -2.29
N VAL A 316 -36.35 -1.51 2.08
CA VAL A 316 -35.46 -0.35 1.91
C VAL A 316 -33.99 -0.78 1.70
N ARG A 317 -33.57 -0.90 0.41
CA ARG A 317 -32.21 -1.30 0.01
C ARG A 317 -31.60 -0.31 -0.98
N LEU A 318 -30.28 -0.06 -0.85
CA LEU A 318 -29.55 0.79 -1.79
C LEU A 318 -29.18 -0.05 -3.01
N LEU A 319 -29.59 0.42 -4.20
CA LEU A 319 -29.38 -0.22 -5.49
C LEU A 319 -28.21 0.43 -6.23
N TYR A 320 -28.39 1.69 -6.62
CA TYR A 320 -27.46 2.48 -7.39
C TYR A 320 -27.10 3.77 -6.64
N TYR A 321 -25.95 4.37 -6.99
CA TYR A 321 -25.44 5.63 -6.45
C TYR A 321 -24.60 6.37 -7.50
N VAL A 322 -24.56 7.69 -7.39
CA VAL A 322 -23.75 8.57 -8.22
C VAL A 322 -23.45 9.85 -7.45
N ASN A 323 -22.32 10.48 -7.76
CA ASN A 323 -21.94 11.71 -7.11
C ASN A 323 -21.66 12.81 -8.14
N LEU A 324 -21.80 14.08 -7.71
CA LEU A 324 -21.54 15.23 -8.55
C LEU A 324 -21.05 16.37 -7.69
N LEU A 325 -19.88 16.87 -8.01
CA LEU A 325 -19.22 17.92 -7.26
C LEU A 325 -19.87 19.29 -7.49
N LEU A 326 -20.86 19.65 -6.62
CA LEU A 326 -21.60 20.93 -6.64
C LEU A 326 -20.74 22.14 -6.99
N ILE A 327 -19.53 22.27 -6.42
CA ILE A 327 -18.60 23.35 -6.78
C ILE A 327 -17.54 22.76 -7.75
N ASP A 328 -17.23 23.49 -8.83
CA ASP A 328 -16.28 23.14 -9.89
C ASP A 328 -14.84 23.24 -9.41
N HIS A 329 -13.91 22.83 -10.28
CA HIS A 329 -12.47 22.93 -10.09
C HIS A 329 -12.07 24.37 -10.40
N ARG A 330 -13.02 25.15 -10.98
CA ARG A 330 -12.90 26.57 -11.34
C ARG A 330 -13.66 27.46 -10.33
N PHE A 331 -14.15 26.83 -9.24
CA PHE A 331 -14.91 27.44 -8.14
C PHE A 331 -16.30 27.89 -8.61
N LEU A 332 -16.85 27.23 -9.65
CA LEU A 332 -18.16 27.59 -10.18
C LEU A 332 -19.24 26.68 -9.64
N LEU A 333 -20.40 27.24 -9.29
CA LEU A 333 -21.51 26.39 -8.83
C LEU A 333 -22.03 25.62 -10.07
N ARG A 334 -22.29 24.32 -9.93
CA ARG A 334 -22.69 23.48 -11.04
C ARG A 334 -24.11 23.71 -11.46
N ARG A 335 -24.26 24.39 -12.61
CA ARG A 335 -25.53 24.74 -13.23
C ARG A 335 -25.67 23.97 -14.55
N GLY A 336 -26.83 23.38 -14.79
CA GLY A 336 -27.11 22.68 -16.03
C GLY A 336 -27.86 21.38 -15.94
N GLU A 337 -28.03 20.73 -17.13
CA GLU A 337 -28.69 19.44 -17.35
C GLU A 337 -27.64 18.32 -17.34
N TYR A 338 -27.89 17.27 -16.53
CA TYR A 338 -26.96 16.16 -16.34
C TYR A 338 -27.67 14.80 -16.37
N VAL A 339 -27.11 13.88 -17.17
CA VAL A 339 -27.57 12.50 -17.27
C VAL A 339 -26.37 11.72 -16.74
N LEU A 340 -26.46 11.24 -15.48
CA LEU A 340 -25.38 10.57 -14.79
C LEU A 340 -25.56 9.09 -14.74
N HIS A 341 -24.62 8.32 -15.35
CA HIS A 341 -24.64 6.86 -15.32
C HIS A 341 -24.11 6.34 -13.98
N MET A 342 -25.00 5.58 -13.28
CA MET A 342 -24.85 5.12 -11.92
C MET A 342 -24.09 3.82 -11.72
N TRP A 343 -23.53 3.70 -10.51
CA TRP A 343 -22.77 2.57 -10.01
C TRP A 343 -23.72 1.72 -9.19
N GLN A 344 -23.66 0.39 -9.39
CA GLN A 344 -24.54 -0.56 -8.73
C GLN A 344 -23.88 -1.21 -7.54
N ILE A 345 -24.64 -1.37 -6.44
CA ILE A 345 -24.22 -1.98 -5.17
C ILE A 345 -23.99 -3.49 -5.26
N PHE A 355 -17.52 3.10 5.22
CA PHE A 355 -17.86 2.21 4.11
C PHE A 355 -16.76 2.19 3.01
N ASN A 356 -17.11 1.76 1.79
CA ASN A 356 -16.20 1.67 0.65
C ASN A 356 -15.85 3.05 0.10
N ALA A 357 -14.57 3.21 -0.31
CA ALA A 357 -13.99 4.42 -0.88
C ALA A 357 -14.57 4.65 -2.26
N ASP A 358 -15.02 3.57 -2.91
CA ASP A 358 -15.62 3.58 -4.22
C ASP A 358 -16.98 4.30 -4.19
N LYS A 359 -17.63 4.33 -3.03
CA LYS A 359 -18.89 5.04 -2.84
C LYS A 359 -18.68 6.56 -2.81
N LEU A 360 -17.41 7.04 -2.93
CA LEU A 360 -17.07 8.48 -2.86
C LEU A 360 -16.76 9.13 -4.17
N THR A 361 -16.53 8.31 -5.22
CA THR A 361 -16.04 8.71 -6.53
C THR A 361 -16.92 9.71 -7.28
N SER A 362 -16.25 10.72 -7.86
CA SER A 362 -16.85 11.78 -8.69
C SER A 362 -17.09 11.28 -10.13
N ALA A 363 -16.40 10.17 -10.51
CA ALA A 363 -16.50 9.55 -11.81
C ALA A 363 -17.84 8.88 -11.98
N THR A 364 -18.37 8.89 -13.25
CA THR A 364 -19.64 8.24 -13.64
C THR A 364 -19.33 6.85 -14.21
N ASN A 365 -20.34 5.96 -14.27
CA ASN A 365 -20.18 4.61 -14.79
C ASN A 365 -19.82 4.61 -16.29
N PRO A 366 -18.70 3.96 -16.72
CA PRO A 366 -18.35 3.97 -18.16
C PRO A 366 -19.34 3.16 -19.00
N ASP A 367 -19.89 2.07 -18.43
CA ASP A 367 -20.87 1.19 -19.08
C ASP A 367 -22.18 1.94 -19.20
N LYS A 368 -22.28 2.79 -20.22
CA LYS A 368 -23.48 3.62 -20.49
C LYS A 368 -24.62 2.76 -21.05
N GLU A 369 -24.27 1.61 -21.65
CA GLU A 369 -25.19 0.67 -22.27
C GLU A 369 -26.06 -0.09 -21.27
N ASN A 370 -25.44 -0.57 -20.17
CA ASN A 370 -26.09 -1.41 -19.15
C ASN A 370 -26.51 -0.70 -17.88
N SER A 371 -25.85 0.44 -17.55
CA SER A 371 -26.13 1.13 -16.29
C SER A 371 -27.39 1.98 -16.29
N MET A 372 -27.94 2.20 -15.08
CA MET A 372 -29.07 3.09 -14.88
C MET A 372 -28.50 4.48 -14.90
N SER A 373 -29.26 5.43 -15.42
CA SER A 373 -28.81 6.82 -15.40
C SER A 373 -29.83 7.65 -14.62
N ILE A 374 -29.45 8.89 -14.29
CA ILE A 374 -30.32 9.78 -13.55
C ILE A 374 -30.30 11.15 -14.24
N SER A 375 -31.47 11.58 -14.72
CA SER A 375 -31.57 12.90 -15.37
C SER A 375 -31.88 13.92 -14.30
N ILE A 376 -31.06 14.97 -14.22
CA ILE A 376 -31.23 16.03 -13.23
C ILE A 376 -31.03 17.42 -13.87
N LEU A 377 -31.50 18.46 -13.18
CA LEU A 377 -31.36 19.85 -13.60
C LEU A 377 -30.92 20.70 -12.42
N LEU A 378 -30.01 21.65 -12.71
CA LEU A 378 -29.46 22.55 -11.70
C LEU A 378 -29.55 24.00 -12.21
N ASP A 379 -30.48 24.80 -11.64
CA ASP A 379 -30.64 26.20 -12.02
C ASP A 379 -30.54 27.12 -10.81
N ASN A 380 -29.32 27.66 -10.57
CA ASN A 380 -29.02 28.55 -9.45
C ASN A 380 -27.97 29.59 -9.87
N GLU A 404 -7.50 32.33 28.43
CA GLU A 404 -7.93 31.95 29.77
C GLU A 404 -9.01 30.89 29.67
N MET A 405 -8.75 29.72 30.24
CA MET A 405 -9.67 28.59 30.20
C MET A 405 -9.77 27.94 31.60
N PRO A 406 -10.96 27.48 32.05
CA PRO A 406 -11.03 26.85 33.40
C PRO A 406 -10.49 25.42 33.43
N ASN A 407 -10.01 25.01 34.62
CA ASN A 407 -9.38 23.71 34.84
C ASN A 407 -10.29 22.52 34.63
N GLN A 408 -11.56 22.60 35.10
CA GLN A 408 -12.49 21.47 34.94
C GLN A 408 -12.83 21.20 33.48
N LEU A 409 -12.79 22.25 32.62
CA LEU A 409 -13.05 22.17 31.18
C LEU A 409 -11.79 21.87 30.38
N ARG A 410 -10.61 22.34 30.85
CA ARG A 410 -9.33 22.06 30.20
C ARG A 410 -9.03 20.58 30.31
N LYS A 411 -9.43 19.96 31.44
CA LYS A 411 -9.30 18.53 31.71
C LYS A 411 -10.17 17.74 30.72
N GLN A 412 -11.33 18.29 30.34
CA GLN A 412 -12.26 17.69 29.37
C GLN A 412 -11.71 17.66 27.94
N LEU A 413 -11.19 18.80 27.39
CA LEU A 413 -10.69 18.75 26.02
C LEU A 413 -9.36 18.05 25.94
N GLU A 414 -8.58 18.02 27.03
CA GLU A 414 -7.30 17.29 27.08
C GLU A 414 -7.56 15.78 27.04
N ALA A 415 -8.72 15.36 27.57
CA ALA A 415 -9.16 13.96 27.57
C ALA A 415 -9.61 13.57 26.16
N ILE A 416 -10.22 14.54 25.45
CA ILE A 416 -10.68 14.40 24.07
C ILE A 416 -9.45 14.28 23.16
N ILE A 417 -8.49 15.22 23.27
CA ILE A 417 -7.22 15.23 22.52
C ILE A 417 -6.56 13.85 22.51
N ALA A 418 -6.55 13.18 23.69
CA ALA A 418 -5.95 11.88 23.95
C ALA A 418 -6.67 10.66 23.31
N THR A 419 -8.00 10.64 23.27
CA THR A 419 -8.75 9.50 22.73
C THR A 419 -8.40 9.25 21.24
N ASP A 420 -8.16 7.98 20.90
CA ASP A 420 -7.76 7.41 19.59
C ASP A 420 -8.54 7.94 18.35
N PRO A 421 -8.04 7.73 17.09
CA PRO A 421 -8.74 8.26 15.91
C PRO A 421 -10.11 7.67 15.61
N LEU A 422 -10.50 6.56 16.29
CA LEU A 422 -11.79 5.90 16.06
C LEU A 422 -12.85 6.21 17.12
N ASN A 423 -12.47 6.90 18.21
CA ASN A 423 -13.43 7.29 19.23
C ASN A 423 -14.27 8.47 18.72
N PRO A 424 -15.61 8.30 18.67
CA PRO A 424 -16.47 9.38 18.14
C PRO A 424 -16.65 10.53 19.12
N LEU A 425 -16.73 11.74 18.57
CA LEU A 425 -16.95 12.96 19.32
C LEU A 425 -18.44 13.15 19.34
N THR A 426 -18.97 13.56 20.49
CA THR A 426 -20.40 13.85 20.64
C THR A 426 -20.58 15.35 20.37
N ALA A 427 -21.82 15.86 20.40
CA ALA A 427 -22.08 17.29 20.22
C ALA A 427 -21.38 18.08 21.30
N GLU A 428 -21.35 17.51 22.53
CA GLU A 428 -20.71 18.09 23.71
C GLU A 428 -19.24 18.36 23.42
N ASP A 429 -18.50 17.32 22.92
CA ASP A 429 -17.09 17.39 22.55
C ASP A 429 -16.83 18.42 21.44
N LYS A 430 -17.61 18.35 20.33
CA LYS A 430 -17.53 19.22 19.16
C LYS A 430 -17.73 20.70 19.49
N GLU A 431 -18.75 21.00 20.32
CA GLU A 431 -19.07 22.36 20.76
C GLU A 431 -17.96 22.93 21.61
N LEU A 432 -17.40 22.07 22.53
CA LEU A 432 -16.30 22.41 23.44
C LEU A 432 -15.06 22.72 22.63
N LEU A 433 -14.65 21.78 21.73
CA LEU A 433 -13.53 21.92 20.80
C LEU A 433 -13.67 23.20 19.98
N TRP A 434 -14.84 23.44 19.37
CA TRP A 434 -15.01 24.64 18.56
C TRP A 434 -14.90 25.93 19.40
N HIS A 435 -15.56 25.98 20.57
CA HIS A 435 -15.51 27.17 21.42
C HIS A 435 -14.09 27.50 21.90
N PHE A 436 -13.36 26.49 22.39
CA PHE A 436 -11.98 26.64 22.85
C PHE A 436 -11.00 26.21 21.75
N ARG A 437 -11.28 26.66 20.51
CA ARG A 437 -10.50 26.33 19.33
C ARG A 437 -9.10 26.93 19.31
N TYR A 438 -8.86 28.05 20.02
CA TYR A 438 -7.51 28.63 20.03
C TYR A 438 -6.59 27.86 20.97
N GLU A 439 -7.18 27.17 21.96
CA GLU A 439 -6.48 26.30 22.89
C GLU A 439 -6.20 24.97 22.19
N SER A 440 -7.19 24.44 21.46
CA SER A 440 -7.14 23.21 20.67
C SER A 440 -6.09 23.28 19.57
N LEU A 441 -5.72 24.52 19.15
CA LEU A 441 -4.72 24.82 18.12
C LEU A 441 -3.28 24.70 18.68
N LYS A 442 -3.13 24.79 20.00
CA LYS A 442 -1.85 24.64 20.69
C LYS A 442 -1.41 23.15 20.71
N HIS A 443 -2.36 22.23 20.54
CA HIS A 443 -2.16 20.77 20.52
C HIS A 443 -2.32 20.20 19.08
N PRO A 444 -1.20 19.85 18.39
CA PRO A 444 -1.33 19.33 17.01
C PRO A 444 -2.11 18.01 16.92
N LYS A 445 -2.03 17.15 17.94
CA LYS A 445 -2.81 15.89 17.98
C LYS A 445 -4.35 16.10 18.15
N ALA A 446 -4.80 17.37 18.17
CA ALA A 446 -6.21 17.76 18.30
C ALA A 446 -6.81 18.20 16.98
N TYR A 447 -5.96 18.55 15.98
CA TYR A 447 -6.40 19.04 14.67
C TYR A 447 -7.45 18.12 14.02
N PRO A 448 -7.31 16.76 13.95
CA PRO A 448 -8.38 15.95 13.35
C PRO A 448 -9.71 16.06 14.09
N LYS A 449 -9.65 16.22 15.41
CA LYS A 449 -10.84 16.33 16.25
C LYS A 449 -11.47 17.69 16.11
N LEU A 450 -10.62 18.75 16.04
CA LEU A 450 -11.05 20.13 15.92
C LEU A 450 -11.68 20.35 14.58
N PHE A 451 -11.04 19.89 13.50
CA PHE A 451 -11.53 20.06 12.13
C PHE A 451 -12.76 19.24 11.81
N SER A 452 -13.14 18.30 12.71
CA SER A 452 -14.34 17.48 12.61
C SER A 452 -15.44 18.09 13.47
N SER A 453 -15.13 19.18 14.18
CA SER A 453 -16.04 19.95 15.04
C SER A 453 -16.54 21.19 14.26
N VAL A 454 -16.07 21.35 13.03
CA VAL A 454 -16.41 22.50 12.19
C VAL A 454 -17.73 22.21 11.50
N LYS A 455 -18.61 23.24 11.51
CA LYS A 455 -19.91 23.26 10.84
C LYS A 455 -19.59 23.76 9.44
N TRP A 456 -19.26 22.81 8.53
CA TRP A 456 -18.85 23.04 7.14
C TRP A 456 -19.98 23.58 6.26
N GLY A 457 -21.22 23.39 6.71
CA GLY A 457 -22.41 23.90 6.05
C GLY A 457 -22.73 25.34 6.42
N GLN A 458 -21.73 26.10 6.90
CA GLN A 458 -21.87 27.49 7.33
C GLN A 458 -20.62 28.26 6.90
N GLN A 459 -20.78 29.16 5.90
CA GLN A 459 -19.70 30.01 5.35
C GLN A 459 -18.94 30.77 6.45
N GLU A 460 -19.67 31.25 7.47
CA GLU A 460 -19.18 32.01 8.64
C GLU A 460 -18.18 31.17 9.43
N ILE A 461 -18.59 29.94 9.78
CA ILE A 461 -17.77 28.99 10.52
C ILE A 461 -16.54 28.59 9.67
N VAL A 462 -16.76 28.34 8.37
CA VAL A 462 -15.70 27.98 7.41
C VAL A 462 -14.64 29.08 7.33
N ALA A 463 -15.06 30.35 7.23
CA ALA A 463 -14.14 31.49 7.12
C ALA A 463 -13.30 31.63 8.38
N LYS A 464 -13.94 31.40 9.56
CA LYS A 464 -13.33 31.44 10.88
C LYS A 464 -12.28 30.37 10.96
N THR A 465 -12.56 29.16 10.39
CA THR A 465 -11.64 28.02 10.30
C THR A 465 -10.39 28.45 9.50
N TYR A 466 -10.58 29.23 8.42
CA TYR A 466 -9.48 29.72 7.59
C TYR A 466 -8.67 30.78 8.34
N GLN A 467 -9.34 31.61 9.18
CA GLN A 467 -8.69 32.61 10.04
C GLN A 467 -7.85 31.87 11.07
N LEU A 468 -8.40 30.76 11.60
CA LEU A 468 -7.75 29.89 12.56
C LEU A 468 -6.56 29.18 11.89
N LEU A 469 -6.68 28.86 10.58
CA LEU A 469 -5.62 28.20 9.81
C LEU A 469 -4.41 29.07 9.57
N ALA A 470 -4.60 30.41 9.50
CA ALA A 470 -3.53 31.40 9.29
C ALA A 470 -2.46 31.30 10.39
N ARG A 471 -2.90 31.15 11.65
CA ARG A 471 -2.05 31.01 12.84
C ARG A 471 -1.60 29.55 13.04
N ARG A 472 -0.96 29.00 12.00
CA ARG A 472 -0.47 27.62 11.95
C ARG A 472 0.88 27.41 12.64
N GLU A 473 1.41 28.47 13.28
CA GLU A 473 2.73 28.50 13.96
C GLU A 473 3.04 27.24 14.79
N VAL A 474 2.07 26.74 15.57
CA VAL A 474 2.27 25.53 16.39
C VAL A 474 2.43 24.28 15.52
N TRP A 475 1.52 24.13 14.52
CA TRP A 475 1.46 23.04 13.56
C TRP A 475 2.79 22.88 12.78
N ASP A 476 3.25 23.96 12.13
CA ASP A 476 4.46 24.04 11.32
C ASP A 476 5.77 23.75 12.09
N GLN A 477 5.88 24.25 13.33
CA GLN A 477 7.07 24.09 14.19
C GLN A 477 7.16 22.69 14.79
N SER A 478 6.10 21.89 14.66
CA SER A 478 6.01 20.57 15.25
C SER A 478 6.65 19.48 14.45
N ALA A 479 7.09 18.41 15.16
CA ALA A 479 7.70 17.24 14.55
C ALA A 479 6.62 16.42 13.85
N LEU A 480 6.87 16.10 12.57
CA LEU A 480 6.02 15.33 11.68
C LEU A 480 5.60 14.01 12.32
N ASP A 481 4.28 13.84 12.43
CA ASP A 481 3.63 12.66 12.98
C ASP A 481 2.90 12.10 11.75
N VAL A 482 3.34 10.93 11.24
CA VAL A 482 2.77 10.29 10.04
C VAL A 482 1.37 9.84 10.33
N GLY A 483 1.15 9.42 11.56
CA GLY A 483 -0.17 9.00 12.02
C GLY A 483 -1.17 10.12 12.13
N LEU A 484 -0.70 11.35 12.36
CA LEU A 484 -1.55 12.55 12.49
C LEU A 484 -1.80 13.17 11.13
N THR A 485 -0.75 13.21 10.31
CA THR A 485 -0.77 13.76 8.96
C THR A 485 -1.78 12.99 8.11
N MET A 486 -1.66 11.66 8.09
CA MET A 486 -2.54 10.75 7.34
C MET A 486 -3.98 10.77 7.79
N GLN A 487 -4.21 11.06 9.09
CA GLN A 487 -5.53 11.16 9.70
C GLN A 487 -6.33 12.25 9.02
N LEU A 488 -5.66 13.33 8.55
CA LEU A 488 -6.28 14.47 7.86
C LEU A 488 -6.45 14.27 6.34
N LEU A 489 -5.96 13.14 5.81
CA LEU A 489 -6.06 12.77 4.39
C LEU A 489 -7.17 11.73 4.11
N ASP A 490 -7.90 11.31 5.16
CA ASP A 490 -8.94 10.32 5.03
C ASP A 490 -10.24 10.93 4.55
N CYS A 491 -11.29 10.10 4.45
CA CYS A 491 -12.63 10.38 3.97
C CYS A 491 -13.40 11.43 4.79
N ASN A 492 -12.99 11.67 6.05
CA ASN A 492 -13.66 12.62 6.93
C ASN A 492 -13.29 14.07 6.63
N PHE A 493 -12.27 14.26 5.77
CA PHE A 493 -11.78 15.60 5.46
C PHE A 493 -11.92 15.91 3.96
N SER A 494 -12.85 16.82 3.60
CA SER A 494 -13.07 17.24 2.21
C SER A 494 -12.51 18.66 1.92
N ASP A 495 -12.03 19.36 2.98
CA ASP A 495 -11.47 20.70 2.82
C ASP A 495 -10.05 20.65 2.30
N GLU A 496 -9.82 21.40 1.21
CA GLU A 496 -8.56 21.53 0.48
C GLU A 496 -7.45 22.11 1.32
N ASN A 497 -7.75 23.12 2.14
CA ASN A 497 -6.77 23.80 2.96
C ASN A 497 -6.36 23.00 4.18
N VAL A 498 -7.26 22.15 4.68
CA VAL A 498 -7.01 21.25 5.81
C VAL A 498 -6.08 20.12 5.29
N ARG A 499 -6.46 19.52 4.16
CA ARG A 499 -5.72 18.45 3.49
C ARG A 499 -4.28 18.91 3.16
N ALA A 500 -4.13 20.18 2.68
CA ALA A 500 -2.85 20.80 2.32
C ALA A 500 -1.86 20.91 3.49
N ILE A 501 -2.33 21.27 4.70
CA ILE A 501 -1.45 21.34 5.90
C ILE A 501 -0.86 19.96 6.21
N ALA A 502 -1.60 18.89 5.89
CA ALA A 502 -1.15 17.51 6.06
C ALA A 502 -0.12 17.18 4.96
N VAL A 503 -0.43 17.56 3.68
CA VAL A 503 0.47 17.36 2.53
C VAL A 503 1.79 18.16 2.70
N GLN A 504 1.72 19.27 3.45
CA GLN A 504 2.82 20.17 3.82
C GLN A 504 3.79 19.40 4.74
N LYS A 505 3.27 18.74 5.78
CA LYS A 505 4.13 17.96 6.67
C LYS A 505 4.83 16.80 5.94
N LEU A 506 4.21 16.27 4.86
CA LEU A 506 4.74 15.16 4.07
C LEU A 506 5.96 15.59 3.25
N GLU A 507 6.04 16.91 2.91
CA GLU A 507 7.17 17.47 2.14
C GLU A 507 8.53 17.22 2.80
N SER A 508 8.55 17.00 4.14
CA SER A 508 9.74 16.78 4.96
C SER A 508 10.09 15.31 5.14
N LEU A 509 9.33 14.38 4.50
CA LEU A 509 9.68 12.95 4.57
C LEU A 509 10.87 12.74 3.64
N GLU A 510 11.89 12.01 4.12
CA GLU A 510 13.04 11.66 3.29
C GLU A 510 12.57 10.53 2.37
N ASP A 511 13.14 10.43 1.15
CA ASP A 511 12.77 9.42 0.14
C ASP A 511 12.64 8.01 0.74
N ASP A 512 13.38 7.71 1.81
CA ASP A 512 13.29 6.40 2.47
C ASP A 512 11.91 6.16 3.08
N ASP A 513 11.33 7.19 3.75
CA ASP A 513 10.01 7.17 4.40
C ASP A 513 8.83 7.37 3.43
N VAL A 514 9.07 7.96 2.24
CA VAL A 514 8.04 8.16 1.21
C VAL A 514 7.71 6.79 0.65
N LEU A 515 8.75 6.04 0.25
CA LEU A 515 8.75 4.67 -0.29
C LEU A 515 8.05 3.66 0.65
N HIS A 516 7.98 4.02 1.89
CA HIS A 516 7.48 3.30 3.04
C HIS A 516 5.96 3.47 3.30
N TYR A 517 5.45 4.68 3.03
CA TYR A 517 4.06 5.07 3.21
C TYR A 517 3.39 5.31 1.87
N LEU A 518 4.12 5.03 0.76
CA LEU A 518 3.70 5.25 -0.61
C LEU A 518 2.35 4.62 -0.92
N LEU A 519 2.24 3.28 -0.89
CA LEU A 519 0.98 2.59 -1.20
C LEU A 519 -0.25 3.24 -0.55
N GLN A 520 -0.17 3.56 0.75
CA GLN A 520 -1.24 4.18 1.51
C GLN A 520 -1.45 5.66 1.13
N LEU A 521 -0.38 6.39 0.74
CA LEU A 521 -0.51 7.79 0.25
C LEU A 521 -1.17 7.81 -1.17
N VAL A 522 -0.80 6.85 -2.03
CA VAL A 522 -1.40 6.64 -3.35
C VAL A 522 -2.90 6.25 -3.16
N GLN A 523 -3.22 5.40 -2.14
CA GLN A 523 -4.60 5.01 -1.84
C GLN A 523 -5.38 6.22 -1.29
N ALA A 524 -4.73 7.06 -0.47
CA ALA A 524 -5.30 8.29 0.11
C ALA A 524 -5.86 9.27 -0.96
N VAL A 525 -5.52 9.06 -2.28
CA VAL A 525 -5.96 9.88 -3.43
C VAL A 525 -7.43 9.65 -3.72
N LYS A 526 -7.93 8.46 -3.36
CA LYS A 526 -9.33 8.09 -3.46
C LYS A 526 -10.22 8.95 -2.53
N PHE A 527 -9.61 9.72 -1.62
CA PHE A 527 -10.33 10.54 -0.65
C PHE A 527 -10.37 12.01 -0.99
N GLU A 528 -9.68 12.40 -2.08
CA GLU A 528 -9.55 13.76 -2.57
C GLU A 528 -10.77 14.19 -3.38
N PRO A 529 -11.40 15.35 -3.06
CA PRO A 529 -12.59 15.77 -3.82
C PRO A 529 -12.33 16.03 -5.29
N TYR A 530 -11.19 16.68 -5.63
CA TYR A 530 -10.82 17.02 -7.01
C TYR A 530 -9.63 16.20 -7.54
N HIS A 531 -9.54 16.02 -8.87
CA HIS A 531 -8.46 15.32 -9.57
C HIS A 531 -7.10 15.95 -9.34
N ASP A 532 -7.03 17.27 -9.41
CA ASP A 532 -5.79 17.99 -9.14
C ASP A 532 -5.83 18.25 -7.64
N SER A 533 -4.78 17.83 -6.92
CA SER A 533 -4.70 18.00 -5.47
C SER A 533 -3.27 18.13 -5.00
N ALA A 534 -3.08 18.66 -3.79
CA ALA A 534 -1.76 18.81 -3.17
C ALA A 534 -1.06 17.45 -3.07
N LEU A 535 -1.84 16.38 -2.71
CA LEU A 535 -1.38 15.01 -2.54
C LEU A 535 -0.94 14.35 -3.84
N ALA A 536 -1.80 14.43 -4.91
CA ALA A 536 -1.50 13.94 -6.26
C ALA A 536 -0.17 14.54 -6.73
N ARG A 537 -0.04 15.89 -6.62
CA ARG A 537 1.16 16.67 -6.95
C ARG A 537 2.36 16.23 -6.15
N PHE A 538 2.23 16.05 -4.81
CA PHE A 538 3.30 15.57 -3.93
C PHE A 538 3.82 14.25 -4.47
N LEU A 539 2.92 13.30 -4.75
CA LEU A 539 3.26 11.97 -5.26
C LEU A 539 3.99 12.06 -6.57
N LEU A 540 3.57 12.98 -7.47
CA LEU A 540 4.23 13.25 -8.75
C LEU A 540 5.69 13.75 -8.54
N LYS A 541 5.89 14.82 -7.73
CA LYS A 541 7.21 15.39 -7.44
C LYS A 541 8.18 14.35 -6.87
N ARG A 542 7.78 13.63 -5.81
CA ARG A 542 8.61 12.61 -5.17
C ARG A 542 9.01 11.45 -6.09
N GLY A 543 8.13 11.12 -7.04
CA GLY A 543 8.34 10.06 -8.02
C GLY A 543 9.30 10.48 -9.10
N LEU A 544 9.04 11.66 -9.73
CA LEU A 544 9.86 12.29 -10.77
C LEU A 544 11.26 12.58 -10.30
N ARG A 545 11.48 12.72 -8.97
CA ARG A 545 12.75 13.01 -8.30
C ARG A 545 13.62 11.76 -8.03
N ASN A 546 13.00 10.63 -7.57
CA ASN A 546 13.70 9.39 -7.22
C ASN A 546 13.11 8.20 -8.00
N LYS A 547 13.98 7.47 -8.74
CA LYS A 547 13.62 6.32 -9.58
C LYS A 547 12.93 5.19 -8.82
N ARG A 548 13.37 4.89 -7.57
CA ARG A 548 12.70 3.85 -6.79
C ARG A 548 11.25 4.28 -6.43
N ILE A 549 11.05 5.56 -5.93
CA ILE A 549 9.70 6.12 -5.64
C ILE A 549 8.88 6.06 -6.94
N GLY A 550 9.50 6.42 -8.05
CA GLY A 550 8.85 6.45 -9.35
C GLY A 550 8.43 5.10 -9.91
N HIS A 551 9.32 4.08 -9.83
CA HIS A 551 9.05 2.71 -10.32
C HIS A 551 7.83 2.13 -9.62
N PHE A 552 7.83 2.22 -8.26
CA PHE A 552 6.74 1.74 -7.43
C PHE A 552 5.46 2.54 -7.68
N LEU A 553 5.55 3.90 -7.82
CA LEU A 553 4.41 4.77 -8.12
C LEU A 553 3.67 4.24 -9.36
N PHE A 554 4.43 3.96 -10.45
CA PHE A 554 3.94 3.43 -11.71
C PHE A 554 3.05 2.21 -11.51
N TRP A 555 3.56 1.14 -10.85
CA TRP A 555 2.82 -0.12 -10.58
C TRP A 555 1.66 0.06 -9.64
N PHE A 556 1.85 0.91 -8.59
CA PHE A 556 0.80 1.24 -7.60
C PHE A 556 -0.38 1.90 -8.28
N LEU A 557 -0.12 2.86 -9.20
CA LEU A 557 -1.16 3.52 -9.96
C LEU A 557 -1.74 2.56 -11.01
N ARG A 558 -0.86 1.82 -11.71
CA ARG A 558 -1.23 0.86 -12.75
C ARG A 558 -2.13 -0.25 -12.23
N SER A 559 -1.96 -0.72 -10.97
CA SER A 559 -2.81 -1.76 -10.39
C SER A 559 -4.27 -1.28 -10.30
N GLU A 560 -4.49 -0.04 -9.82
CA GLU A 560 -5.81 0.59 -9.68
C GLU A 560 -6.45 0.93 -11.02
N ILE A 561 -5.64 1.39 -12.02
CA ILE A 561 -6.10 1.72 -13.38
C ILE A 561 -6.67 0.47 -14.08
N ALA A 562 -6.00 -0.68 -13.88
CA ALA A 562 -6.29 -1.97 -14.48
C ALA A 562 -7.47 -2.72 -13.88
N GLN A 563 -8.03 -2.28 -12.73
CA GLN A 563 -9.12 -3.07 -12.13
C GLN A 563 -10.17 -2.24 -11.37
N SER A 564 -10.22 -0.92 -11.58
CA SER A 564 -11.22 -0.08 -10.96
C SER A 564 -11.76 0.94 -11.95
N ARG A 565 -13.03 0.80 -12.34
CA ARG A 565 -13.70 1.74 -13.23
C ARG A 565 -14.06 3.01 -12.42
N HIS A 566 -13.98 2.92 -11.05
CA HIS A 566 -14.29 3.99 -10.11
C HIS A 566 -13.22 5.09 -10.01
N TYR A 567 -11.92 4.73 -10.11
CA TYR A 567 -10.83 5.70 -9.97
C TYR A 567 -9.76 5.66 -11.09
N GLN A 568 -9.92 4.79 -12.09
CA GLN A 568 -8.96 4.66 -13.20
C GLN A 568 -8.69 5.94 -13.98
N GLN A 569 -9.71 6.80 -14.16
CA GLN A 569 -9.57 8.07 -14.90
C GLN A 569 -8.60 9.01 -14.18
N ARG A 570 -8.89 9.34 -12.91
CA ARG A 570 -8.03 10.18 -12.07
C ARG A 570 -6.61 9.65 -11.99
N PHE A 571 -6.48 8.35 -11.69
CA PHE A 571 -5.20 7.69 -11.55
C PHE A 571 -4.43 7.69 -12.85
N ALA A 572 -5.12 7.46 -14.01
CA ALA A 572 -4.51 7.48 -15.35
C ALA A 572 -3.88 8.84 -15.65
N VAL A 573 -4.52 9.95 -15.22
CA VAL A 573 -4.04 11.30 -15.41
C VAL A 573 -2.72 11.50 -14.66
N ILE A 574 -2.63 11.05 -13.38
CA ILE A 574 -1.45 11.14 -12.51
C ILE A 574 -0.33 10.31 -13.09
N LEU A 575 -0.68 9.16 -13.73
CA LEU A 575 0.34 8.32 -14.35
C LEU A 575 0.94 8.96 -15.60
N GLU A 576 0.09 9.47 -16.56
CA GLU A 576 0.59 10.15 -17.78
C GLU A 576 1.54 11.26 -17.38
N ALA A 577 1.16 12.10 -16.38
CA ALA A 577 1.98 13.18 -15.81
C ALA A 577 3.36 12.67 -15.37
N TYR A 578 3.42 11.50 -14.72
CA TYR A 578 4.70 10.90 -14.29
C TYR A 578 5.49 10.40 -15.49
N LEU A 579 4.84 9.57 -16.35
CA LEU A 579 5.44 8.93 -17.52
C LEU A 579 6.18 9.89 -18.45
N ARG A 580 5.65 11.13 -18.54
CA ARG A 580 6.14 12.25 -19.33
C ARG A 580 7.38 12.95 -18.72
N GLY A 581 7.78 12.58 -17.50
CA GLY A 581 8.92 13.20 -16.82
C GLY A 581 9.95 12.23 -16.28
N CYS A 582 9.66 10.91 -16.34
CA CYS A 582 10.56 9.87 -15.84
C CYS A 582 11.80 9.65 -16.72
N GLY A 583 11.67 9.97 -18.01
CA GLY A 583 12.75 9.83 -18.98
C GLY A 583 12.63 8.61 -19.86
N THR A 584 13.33 8.62 -21.01
CA THR A 584 13.37 7.56 -22.03
C THR A 584 13.90 6.21 -21.49
N ALA A 585 14.90 6.26 -20.55
CA ALA A 585 15.47 5.07 -19.92
C ALA A 585 14.36 4.29 -19.20
N MET A 586 13.62 4.97 -18.29
CA MET A 586 12.49 4.39 -17.56
C MET A 586 11.31 4.11 -18.47
N LEU A 587 11.04 5.01 -19.44
CA LEU A 587 9.96 4.79 -20.40
C LEU A 587 10.21 3.53 -21.25
N HIS A 588 11.48 3.15 -21.48
CA HIS A 588 11.82 1.94 -22.21
C HIS A 588 11.75 0.77 -21.23
N ASP A 589 12.29 0.98 -20.04
CA ASP A 589 12.34 0.02 -18.95
C ASP A 589 10.93 -0.50 -18.56
N PHE A 590 9.93 0.40 -18.39
CA PHE A 590 8.55 0.02 -18.06
C PHE A 590 7.91 -0.70 -19.23
N THR A 591 8.25 -0.31 -20.49
CA THR A 591 7.71 -0.93 -21.71
C THR A 591 8.00 -2.43 -21.71
N GLN A 592 9.27 -2.82 -21.46
CA GLN A 592 9.67 -4.24 -21.40
C GLN A 592 9.07 -4.95 -20.19
N GLN A 593 8.75 -4.23 -19.07
CA GLN A 593 8.11 -4.78 -17.87
C GLN A 593 6.67 -5.16 -18.18
N VAL A 594 5.94 -4.29 -18.91
CA VAL A 594 4.55 -4.48 -19.30
C VAL A 594 4.45 -5.62 -20.33
N GLN A 595 5.29 -5.59 -21.40
CA GLN A 595 5.33 -6.65 -22.44
C GLN A 595 5.37 -8.05 -21.80
N VAL A 596 6.33 -8.27 -20.86
CA VAL A 596 6.52 -9.53 -20.10
C VAL A 596 5.28 -9.89 -19.27
N ILE A 597 4.73 -8.93 -18.50
CA ILE A 597 3.56 -9.16 -17.65
C ILE A 597 2.33 -9.61 -18.48
N GLU A 598 1.96 -8.84 -19.53
CA GLU A 598 0.82 -9.11 -20.44
C GLU A 598 0.82 -10.53 -21.03
N MET A 599 2.00 -10.98 -21.52
CA MET A 599 2.22 -12.32 -22.08
C MET A 599 2.00 -13.39 -21.03
N LEU A 600 2.72 -13.26 -19.90
CA LEU A 600 2.65 -14.20 -18.77
C LEU A 600 1.26 -14.31 -18.17
N GLN A 601 0.54 -13.18 -18.00
CA GLN A 601 -0.84 -13.16 -17.50
C GLN A 601 -1.75 -14.00 -18.40
N LYS A 602 -1.56 -13.95 -19.77
CA LYS A 602 -2.30 -14.73 -20.76
C LYS A 602 -2.06 -16.21 -20.49
N VAL A 603 -0.78 -16.61 -20.37
CA VAL A 603 -0.35 -17.97 -20.06
C VAL A 603 -1.00 -18.49 -18.77
N THR A 604 -1.05 -17.65 -17.71
CA THR A 604 -1.61 -17.95 -16.37
C THR A 604 -3.08 -18.35 -16.41
N LEU A 605 -3.89 -17.53 -17.12
CA LEU A 605 -5.35 -17.71 -17.28
C LEU A 605 -5.70 -18.92 -18.15
N ASP A 606 -4.91 -19.15 -19.24
CA ASP A 606 -5.10 -20.28 -20.16
C ASP A 606 -4.85 -21.61 -19.46
N ILE A 607 -3.78 -21.69 -18.63
CA ILE A 607 -3.42 -22.89 -17.86
C ILE A 607 -4.40 -23.14 -16.70
N LYS A 608 -5.03 -22.06 -16.17
CA LYS A 608 -6.03 -22.16 -15.09
C LYS A 608 -7.30 -22.78 -15.70
N SER A 609 -7.60 -22.43 -16.97
CA SER A 609 -8.73 -22.94 -17.75
C SER A 609 -8.53 -24.43 -18.08
N LEU A 610 -7.30 -24.81 -18.52
CA LEU A 610 -6.90 -26.18 -18.84
C LEU A 610 -7.10 -27.12 -17.64
N SER A 611 -6.67 -26.70 -16.44
CA SER A 611 -6.84 -27.51 -15.22
C SER A 611 -8.29 -27.42 -14.75
N ALA A 612 -8.88 -28.59 -14.45
CA ALA A 612 -10.27 -28.80 -14.03
C ALA A 612 -10.75 -27.95 -12.87
N GLU A 613 -9.88 -27.75 -11.85
CA GLU A 613 -10.09 -27.12 -10.54
C GLU A 613 -10.17 -28.29 -9.55
N LYS A 614 -10.39 -29.51 -10.11
CA LYS A 614 -10.43 -30.78 -9.40
C LYS A 614 -9.02 -31.01 -8.89
N TYR A 615 -8.89 -30.94 -7.55
CA TYR A 615 -7.74 -31.06 -6.65
C TYR A 615 -6.32 -31.18 -7.29
N ASP A 616 -6.06 -32.22 -8.13
CA ASP A 616 -4.71 -32.50 -8.64
C ASP A 616 -4.46 -32.17 -10.15
N VAL A 617 -3.17 -31.85 -10.46
CA VAL A 617 -2.57 -31.38 -11.72
C VAL A 617 -2.04 -32.51 -12.66
N SER A 618 -2.35 -32.37 -13.98
CA SER A 618 -1.98 -33.27 -15.07
C SER A 618 -0.54 -33.09 -15.59
N SER A 619 -0.03 -34.12 -16.29
CA SER A 619 1.28 -34.20 -16.94
C SER A 619 1.27 -33.34 -18.22
N GLN A 620 0.11 -33.34 -18.93
CA GLN A 620 -0.11 -32.58 -20.17
C GLN A 620 -0.21 -31.08 -19.89
N VAL A 621 -0.63 -30.70 -18.67
CA VAL A 621 -0.74 -29.31 -18.22
C VAL A 621 0.69 -28.72 -18.06
N ILE A 622 1.60 -29.50 -17.40
CA ILE A 622 3.00 -29.10 -17.21
C ILE A 622 3.72 -29.09 -18.57
N SER A 623 3.27 -29.97 -19.49
CA SER A 623 3.80 -30.06 -20.86
C SER A 623 3.34 -28.86 -21.72
N GLN A 624 2.05 -28.49 -21.64
CA GLN A 624 1.49 -27.36 -22.38
C GLN A 624 2.11 -26.02 -21.93
N LEU A 625 2.41 -25.90 -20.62
CA LEU A 625 3.07 -24.74 -19.99
C LEU A 625 4.44 -24.52 -20.63
N LYS A 626 5.32 -25.57 -20.59
CA LYS A 626 6.67 -25.57 -21.17
C LYS A 626 6.64 -25.28 -22.69
N GLN A 627 5.59 -25.75 -23.37
CA GLN A 627 5.34 -25.53 -24.80
C GLN A 627 4.92 -24.07 -25.05
N LYS A 628 4.08 -23.49 -24.16
CA LYS A 628 3.62 -22.11 -24.32
C LYS A 628 4.73 -21.12 -23.92
N LEU A 629 5.57 -21.51 -22.97
CA LEU A 629 6.70 -20.72 -22.49
C LEU A 629 7.83 -20.67 -23.53
N GLU A 630 7.99 -21.76 -24.32
CA GLU A 630 8.97 -21.87 -25.40
C GLU A 630 8.57 -20.96 -26.59
N ASN A 631 7.23 -20.83 -26.85
CA ASN A 631 6.66 -19.96 -27.89
C ASN A 631 6.87 -18.49 -27.53
N LEU A 632 6.75 -18.16 -26.23
CA LEU A 632 6.96 -16.79 -25.73
C LEU A 632 8.47 -16.49 -25.74
N GLN A 633 9.32 -17.45 -25.29
CA GLN A 633 10.79 -17.32 -25.25
C GLN A 633 11.43 -17.18 -26.62
N ASN A 634 10.83 -17.83 -27.66
CA ASN A 634 11.32 -17.80 -29.04
C ASN A 634 11.50 -16.36 -29.55
N SER A 635 10.41 -15.56 -29.55
CA SER A 635 10.39 -14.16 -29.96
C SER A 635 9.22 -13.40 -29.29
N GLN A 636 9.24 -12.05 -29.40
CA GLN A 636 8.28 -11.07 -28.84
C GLN A 636 8.61 -10.67 -27.39
N LEU A 637 8.92 -11.67 -26.53
CA LEU A 637 9.28 -11.43 -25.13
C LEU A 637 10.68 -10.77 -25.01
N PRO A 638 10.84 -9.68 -24.20
CA PRO A 638 12.15 -9.01 -24.09
C PRO A 638 13.28 -9.89 -23.56
N GLU A 639 14.49 -9.75 -24.15
CA GLU A 639 15.72 -10.49 -23.84
C GLU A 639 16.01 -10.43 -22.36
N SER A 640 15.76 -9.25 -21.76
CA SER A 640 15.90 -8.95 -20.33
C SER A 640 14.79 -7.96 -19.91
N PHE A 641 14.44 -7.92 -18.62
CA PHE A 641 13.47 -6.99 -18.05
C PHE A 641 13.81 -6.68 -16.59
N ARG A 642 12.99 -5.82 -15.91
CA ARG A 642 13.21 -5.45 -14.51
C ARG A 642 12.12 -6.07 -13.62
N VAL A 643 12.47 -6.61 -12.45
CA VAL A 643 11.52 -7.28 -11.56
C VAL A 643 10.64 -6.21 -10.87
N PRO A 644 9.30 -6.16 -11.13
CA PRO A 644 8.47 -5.08 -10.57
C PRO A 644 8.47 -4.89 -9.04
N TYR A 645 8.71 -5.93 -8.24
CA TYR A 645 8.71 -5.80 -6.78
C TYR A 645 10.10 -5.52 -6.19
N ASP A 646 11.15 -5.75 -7.00
CA ASP A 646 12.56 -5.56 -6.66
C ASP A 646 13.20 -4.89 -7.87
N PRO A 647 13.08 -3.55 -8.03
CA PRO A 647 13.63 -2.89 -9.22
C PRO A 647 15.16 -2.97 -9.40
N GLY A 648 15.88 -3.31 -8.33
CA GLY A 648 17.33 -3.47 -8.38
C GLY A 648 17.75 -4.62 -9.27
N LEU A 649 16.99 -5.72 -9.21
CA LEU A 649 17.18 -6.96 -9.95
C LEU A 649 16.61 -6.93 -11.34
N LYS A 650 17.44 -7.31 -12.32
CA LYS A 650 17.11 -7.44 -13.74
C LYS A 650 17.04 -8.94 -14.08
N ALA A 651 15.92 -9.39 -14.64
CA ALA A 651 15.71 -10.79 -15.00
C ALA A 651 15.96 -10.99 -16.48
N GLY A 652 16.83 -11.94 -16.79
CA GLY A 652 17.22 -12.27 -18.14
C GLY A 652 16.25 -13.25 -18.77
N ALA A 653 16.80 -14.36 -19.30
CA ALA A 653 15.99 -15.40 -19.95
C ALA A 653 15.54 -16.49 -18.98
N LEU A 654 14.30 -16.98 -19.18
CA LEU A 654 13.65 -18.05 -18.44
C LEU A 654 14.46 -19.36 -18.38
N ALA A 655 14.23 -20.15 -17.34
CA ALA A 655 14.79 -21.48 -17.15
C ALA A 655 13.56 -22.40 -17.37
N ILE A 656 13.15 -22.57 -18.67
CA ILE A 656 11.97 -23.34 -19.14
C ILE A 656 11.83 -24.71 -18.44
N GLU A 657 12.95 -25.42 -18.25
CA GLU A 657 13.02 -26.71 -17.56
C GLU A 657 12.63 -26.62 -16.06
N LYS A 658 12.90 -25.46 -15.42
CA LYS A 658 12.62 -25.19 -13.99
C LYS A 658 11.17 -24.73 -13.72
N CYS A 659 10.48 -24.21 -14.76
CA CYS A 659 9.10 -23.70 -14.70
C CYS A 659 8.09 -24.84 -14.55
N LYS A 660 7.03 -24.61 -13.75
CA LYS A 660 5.96 -25.58 -13.46
C LYS A 660 4.64 -24.90 -13.05
N VAL A 661 3.58 -25.69 -12.77
CA VAL A 661 2.26 -25.20 -12.36
C VAL A 661 2.00 -25.72 -10.96
N MET A 662 1.89 -24.81 -9.96
CA MET A 662 1.69 -25.17 -8.55
C MET A 662 0.41 -25.95 -8.30
N ALA A 663 0.47 -26.90 -7.35
CA ALA A 663 -0.64 -27.78 -6.96
C ALA A 663 -1.48 -27.14 -5.86
N SER A 664 -2.28 -26.16 -6.28
CA SER A 664 -3.20 -25.40 -5.45
C SER A 664 -4.53 -25.32 -6.22
N LYS A 665 -5.63 -24.99 -5.52
CA LYS A 665 -6.98 -24.84 -6.08
C LYS A 665 -7.05 -23.77 -7.19
N LYS A 666 -6.12 -22.77 -7.15
CA LYS A 666 -6.05 -21.66 -8.13
C LYS A 666 -5.12 -21.95 -9.33
N LYS A 667 -4.27 -23.00 -9.21
CA LYS A 667 -3.28 -23.44 -10.21
C LYS A 667 -2.35 -22.29 -10.68
N PRO A 668 -1.49 -21.74 -9.78
CA PRO A 668 -0.63 -20.63 -10.17
C PRO A 668 0.60 -21.11 -10.93
N LEU A 669 1.32 -20.16 -11.56
CA LEU A 669 2.53 -20.47 -12.29
C LEU A 669 3.73 -20.31 -11.37
N TRP A 670 4.78 -21.14 -11.56
CA TRP A 670 6.05 -21.10 -10.85
C TRP A 670 7.08 -20.87 -11.94
N LEU A 671 7.66 -19.66 -11.99
CA LEU A 671 8.62 -19.30 -13.05
C LEU A 671 10.00 -18.95 -12.55
N GLU A 672 11.02 -19.53 -13.17
CA GLU A 672 12.41 -19.25 -12.83
C GLU A 672 13.07 -18.53 -13.97
N PHE A 673 13.87 -17.50 -13.62
CA PHE A 673 14.54 -16.65 -14.60
C PHE A 673 16.01 -16.53 -14.28
N LYS A 674 16.85 -16.55 -15.30
CA LYS A 674 18.28 -16.35 -15.12
C LYS A 674 18.50 -14.85 -14.83
N CYS A 675 19.53 -14.49 -14.03
CA CYS A 675 19.80 -13.08 -13.77
C CYS A 675 20.50 -12.50 -14.99
N ALA A 676 20.01 -11.35 -15.48
CA ALA A 676 20.55 -10.65 -16.66
C ALA A 676 22.00 -10.18 -16.47
N ASP A 677 22.41 -9.91 -15.21
CA ASP A 677 23.76 -9.48 -14.84
C ASP A 677 24.75 -10.66 -14.81
N PRO A 678 25.93 -10.56 -15.50
CA PRO A 678 26.92 -11.65 -15.43
C PRO A 678 27.80 -11.54 -14.18
N THR A 679 27.68 -10.41 -13.44
CA THR A 679 28.39 -10.16 -12.18
C THR A 679 27.58 -10.77 -11.02
N ALA A 680 26.53 -11.55 -11.35
CA ALA A 680 25.70 -12.26 -10.38
C ALA A 680 26.63 -13.31 -9.75
N LEU A 681 27.22 -12.96 -8.58
CA LEU A 681 28.14 -13.85 -7.88
C LEU A 681 27.39 -15.02 -7.20
N SER A 682 26.20 -15.29 -7.73
CA SER A 682 25.28 -16.35 -7.34
C SER A 682 24.76 -17.04 -8.60
N ASN A 683 24.52 -18.36 -8.48
CA ASN A 683 23.96 -19.17 -9.56
C ASN A 683 22.46 -18.88 -9.62
N GLU A 684 21.84 -18.78 -8.42
CA GLU A 684 20.42 -18.54 -8.12
C GLU A 684 19.61 -17.94 -9.23
N THR A 685 18.46 -18.56 -9.48
CA THR A 685 17.50 -18.03 -10.44
C THR A 685 16.52 -17.16 -9.67
N ILE A 686 15.79 -16.32 -10.39
CA ILE A 686 14.77 -15.42 -9.86
C ILE A 686 13.42 -16.14 -10.00
N GLY A 687 12.80 -16.40 -8.87
CA GLY A 687 11.53 -17.09 -8.83
C GLY A 687 10.37 -16.16 -8.64
N ILE A 688 9.44 -16.17 -9.61
CA ILE A 688 8.22 -15.37 -9.59
C ILE A 688 7.00 -16.30 -9.73
N ILE A 689 6.00 -16.11 -8.86
CA ILE A 689 4.76 -16.85 -8.92
C ILE A 689 3.72 -15.94 -9.58
N PHE A 690 3.07 -16.42 -10.65
CA PHE A 690 2.00 -15.71 -11.36
C PHE A 690 0.66 -16.34 -10.96
N LYS A 691 -0.27 -15.56 -10.39
CA LYS A 691 -1.50 -16.18 -9.90
C LYS A 691 -2.79 -15.42 -10.19
N HIS A 692 -3.76 -16.13 -10.78
CA HIS A 692 -5.12 -15.64 -10.98
C HIS A 692 -5.99 -16.34 -9.93
N GLY A 693 -6.85 -15.57 -9.29
CA GLY A 693 -7.76 -16.14 -8.29
C GLY A 693 -8.23 -15.13 -7.28
N ASP A 694 -7.27 -14.61 -6.47
CA ASP A 694 -7.49 -13.64 -5.40
C ASP A 694 -7.08 -12.22 -5.80
N ASP A 695 -7.53 -11.22 -5.03
CA ASP A 695 -7.17 -9.82 -5.24
C ASP A 695 -5.85 -9.52 -4.49
N LEU A 696 -4.72 -9.53 -5.23
CA LEU A 696 -3.38 -9.30 -4.67
C LEU A 696 -3.15 -7.85 -4.23
N ARG A 697 -4.21 -7.03 -4.33
CA ARG A 697 -4.25 -5.64 -3.92
C ARG A 697 -4.36 -5.62 -2.43
N GLN A 698 -4.88 -6.70 -1.83
CA GLN A 698 -5.03 -6.90 -0.38
C GLN A 698 -3.71 -7.45 0.25
N ASP A 699 -3.06 -8.42 -0.45
CA ASP A 699 -1.77 -8.96 -0.05
C ASP A 699 -0.85 -7.78 0.04
N MET A 700 -0.79 -6.97 -1.07
CA MET A 700 0.00 -5.75 -1.23
C MET A 700 -0.10 -4.83 -0.04
N LEU A 701 -1.35 -4.55 0.43
CA LEU A 701 -1.64 -3.72 1.58
C LEU A 701 -1.08 -4.28 2.91
N ILE A 702 -1.45 -5.58 3.25
CA ILE A 702 -0.96 -6.27 4.47
C ILE A 702 0.57 -6.30 4.48
N LEU A 703 1.18 -6.68 3.35
CA LEU A 703 2.63 -6.72 3.20
C LEU A 703 3.27 -5.36 3.50
N GLN A 704 2.58 -4.25 3.16
CA GLN A 704 3.12 -2.92 3.40
C GLN A 704 3.06 -2.52 4.86
N ILE A 705 1.99 -2.91 5.59
CA ILE A 705 1.84 -2.61 7.03
C ILE A 705 2.89 -3.40 7.79
N LEU A 706 3.13 -4.66 7.36
CA LEU A 706 4.16 -5.55 7.89
C LEU A 706 5.53 -4.87 7.88
N ARG A 707 5.88 -4.22 6.74
CA ARG A 707 7.08 -3.41 6.52
C ARG A 707 7.14 -2.21 7.49
N ILE A 708 5.96 -1.64 7.83
CA ILE A 708 5.83 -0.51 8.74
C ILE A 708 6.16 -0.98 10.16
N MET A 709 5.51 -2.08 10.62
CA MET A 709 5.73 -2.69 11.93
C MET A 709 7.20 -3.01 12.19
N GLU A 710 7.94 -3.45 11.15
CA GLU A 710 9.38 -3.73 11.20
C GLU A 710 10.15 -2.43 11.47
N SER A 711 9.69 -1.31 10.87
CA SER A 711 10.29 0.01 11.05
C SER A 711 9.96 0.54 12.45
N ILE A 712 8.75 0.22 12.97
CA ILE A 712 8.34 0.62 14.32
C ILE A 712 9.24 -0.09 15.31
N TRP A 713 9.46 -1.39 15.09
CA TRP A 713 10.37 -2.18 15.93
C TRP A 713 11.81 -1.67 15.79
N GLU A 714 12.25 -1.30 14.56
CA GLU A 714 13.60 -0.78 14.29
C GLU A 714 14.01 0.38 15.24
N THR A 715 13.05 1.29 15.53
CA THR A 715 13.26 2.44 16.41
C THR A 715 13.47 1.98 17.87
N GLU A 716 12.75 0.91 18.28
CA GLU A 716 12.85 0.31 19.61
C GLU A 716 14.00 -0.72 19.64
N SER A 717 14.92 -0.65 18.63
CA SER A 717 16.11 -1.49 18.40
C SER A 717 15.80 -3.01 18.24
N LEU A 718 14.57 -3.32 17.78
CA LEU A 718 14.11 -4.70 17.59
C LEU A 718 14.01 -5.09 16.12
N ASP A 719 14.45 -6.31 15.81
CA ASP A 719 14.39 -6.97 14.52
C ASP A 719 13.58 -8.23 14.81
N LEU A 720 12.37 -8.34 14.27
CA LEU A 720 11.50 -9.49 14.55
C LEU A 720 11.46 -10.47 13.39
N CYS A 721 12.51 -10.42 12.55
CA CYS A 721 12.81 -11.30 11.41
C CYS A 721 11.64 -11.53 10.43
N LEU A 722 10.72 -10.55 10.28
CA LEU A 722 9.60 -10.70 9.36
C LEU A 722 10.08 -10.88 7.92
N LEU A 723 9.30 -11.55 7.10
CA LEU A 723 9.66 -11.74 5.71
C LEU A 723 8.56 -11.18 4.78
N PRO A 724 8.50 -9.82 4.57
CA PRO A 724 7.46 -9.27 3.70
C PRO A 724 7.96 -9.29 2.27
N TYR A 725 7.72 -10.43 1.61
CA TYR A 725 8.12 -10.75 0.24
C TYR A 725 7.43 -9.81 -0.77
N GLY A 726 8.00 -9.75 -1.97
CA GLY A 726 7.43 -8.95 -3.05
C GLY A 726 6.12 -9.49 -3.57
N CYS A 727 5.25 -8.60 -4.03
CA CYS A 727 3.90 -8.87 -4.55
C CYS A 727 3.39 -7.61 -5.22
N ILE A 728 2.98 -7.73 -6.47
CA ILE A 728 2.39 -6.63 -7.22
C ILE A 728 1.10 -7.13 -7.83
N SER A 729 -0.02 -6.42 -7.61
CA SER A 729 -1.29 -6.68 -8.27
C SER A 729 -1.13 -6.06 -9.68
N THR A 730 -1.29 -6.85 -10.75
CA THR A 730 -1.04 -6.33 -12.09
C THR A 730 -2.30 -6.14 -12.95
N GLY A 731 -3.41 -6.71 -12.50
CA GLY A 731 -4.69 -6.65 -13.20
C GLY A 731 -5.83 -7.20 -12.37
N ASP A 732 -6.99 -7.45 -13.02
CA ASP A 732 -8.20 -7.97 -12.38
C ASP A 732 -8.03 -9.39 -11.79
N LYS A 733 -7.95 -9.47 -10.42
CA LYS A 733 -7.78 -10.70 -9.61
C LYS A 733 -6.52 -11.51 -10.00
N ILE A 734 -5.48 -10.83 -10.54
CA ILE A 734 -4.23 -11.41 -11.02
C ILE A 734 -3.02 -10.54 -10.63
N GLY A 735 -1.86 -11.19 -10.52
CA GLY A 735 -0.58 -10.55 -10.22
C GLY A 735 0.60 -11.49 -10.07
N MET A 736 1.74 -10.92 -9.64
CA MET A 736 2.99 -11.63 -9.42
C MET A 736 3.42 -11.60 -7.96
N ILE A 737 4.18 -12.64 -7.53
CA ILE A 737 4.66 -12.81 -6.15
C ILE A 737 6.15 -13.24 -6.15
N GLU A 738 6.88 -12.91 -5.10
CA GLU A 738 8.27 -13.31 -4.94
C GLU A 738 8.32 -14.75 -4.37
N ILE A 739 9.31 -15.54 -4.83
CA ILE A 739 9.62 -16.87 -4.31
C ILE A 739 10.70 -16.65 -3.24
N VAL A 740 10.38 -16.94 -1.98
CA VAL A 740 11.36 -16.84 -0.92
C VAL A 740 12.15 -18.13 -1.01
N LYS A 741 13.42 -18.06 -1.42
CA LYS A 741 14.29 -19.21 -1.62
C LYS A 741 14.44 -20.10 -0.39
N ASP A 742 14.52 -21.44 -0.61
CA ASP A 742 14.72 -22.51 0.39
C ASP A 742 13.60 -22.62 1.43
N ALA A 743 12.43 -22.12 1.09
CA ALA A 743 11.30 -22.13 2.01
C ALA A 743 10.31 -23.23 1.70
N THR A 744 9.62 -23.73 2.73
CA THR A 744 8.60 -24.76 2.52
C THR A 744 7.38 -24.52 3.40
N THR A 745 6.22 -25.07 2.98
CA THR A 745 4.95 -24.95 3.68
C THR A 745 5.03 -25.74 4.99
N ILE A 746 4.55 -25.14 6.10
CA ILE A 746 4.53 -25.76 7.44
C ILE A 746 3.67 -27.04 7.43
N ALA A 747 2.57 -27.04 6.65
CA ALA A 747 1.70 -28.19 6.45
C ALA A 747 2.42 -29.25 5.60
N LYS A 748 3.20 -28.84 4.57
CA LYS A 748 3.99 -29.74 3.71
C LYS A 748 5.08 -30.48 4.51
N ILE A 749 5.60 -29.89 5.62
CA ILE A 749 6.58 -30.48 6.55
C ILE A 749 5.84 -31.55 7.39
N GLN A 750 4.58 -31.26 7.78
CA GLN A 750 3.71 -32.18 8.51
C GLN A 750 3.33 -33.34 7.57
N GLN A 751 2.93 -33.02 6.30
CA GLN A 751 2.56 -33.91 5.19
C GLN A 751 3.72 -34.78 4.75
N SER A 752 4.96 -34.41 5.15
CA SER A 752 6.09 -35.26 4.79
C SER A 752 6.14 -36.52 5.65
N THR A 753 6.49 -36.37 6.97
CA THR A 753 6.67 -37.42 8.01
C THR A 753 5.34 -38.16 8.19
N VAL A 754 4.23 -37.42 8.51
CA VAL A 754 2.85 -37.91 8.72
C VAL A 754 2.26 -38.46 7.36
N GLY A 755 2.38 -37.70 6.25
CA GLY A 755 2.00 -38.19 4.90
C GLY A 755 0.56 -37.91 4.47
N ASN A 756 -0.30 -37.69 5.45
CA ASN A 756 -1.72 -37.42 5.22
C ASN A 756 -2.21 -36.42 6.27
N THR A 757 -3.46 -35.86 6.07
CA THR A 757 -4.09 -34.91 6.96
C THR A 757 -4.29 -35.43 8.42
N GLY A 758 -4.16 -34.50 9.37
CA GLY A 758 -4.52 -34.68 10.79
C GLY A 758 -3.69 -35.13 11.98
N ALA A 759 -2.87 -36.24 11.94
CA ALA A 759 -2.23 -36.74 13.19
C ALA A 759 -1.44 -35.65 13.96
N PHE A 760 -0.49 -35.04 13.23
CA PHE A 760 0.37 -33.91 13.53
C PHE A 760 1.27 -34.21 14.72
N LYS A 761 2.58 -34.42 14.46
CA LYS A 761 3.49 -34.71 15.58
C LYS A 761 4.26 -33.47 15.92
N ASP A 762 4.56 -33.28 17.21
CA ASP A 762 5.31 -32.14 17.76
C ASP A 762 6.69 -31.99 17.11
N GLU A 763 7.64 -32.90 17.47
CA GLU A 763 9.05 -32.96 17.07
C GLU A 763 9.32 -32.64 15.58
N VAL A 764 8.46 -33.14 14.63
CA VAL A 764 8.52 -32.98 13.16
C VAL A 764 9.22 -31.67 12.70
N LEU A 765 8.83 -30.53 13.30
CA LEU A 765 9.40 -29.22 12.97
C LEU A 765 10.91 -29.15 13.24
N ASN A 766 11.32 -29.36 14.51
CA ASN A 766 12.72 -29.37 14.95
C ASN A 766 13.51 -30.47 14.23
N HIS A 767 12.82 -31.55 13.82
CA HIS A 767 13.38 -32.69 13.08
C HIS A 767 13.85 -32.20 11.71
N TRP A 768 12.98 -31.43 11.01
CA TRP A 768 13.28 -30.83 9.70
C TRP A 768 14.36 -29.75 9.86
N LEU A 769 14.36 -29.06 11.02
CA LEU A 769 15.32 -28.01 11.34
C LEU A 769 16.74 -28.57 11.48
N LYS A 770 16.89 -29.72 12.17
CA LYS A 770 18.19 -30.41 12.34
C LYS A 770 18.59 -31.06 11.00
N GLU A 771 17.58 -31.57 10.25
CA GLU A 771 17.72 -32.20 8.93
C GLU A 771 18.29 -31.21 7.91
N LYS A 772 17.75 -29.97 7.89
CA LYS A 772 18.14 -28.95 6.92
C LYS A 772 19.21 -27.94 7.43
N SER A 773 19.95 -28.27 8.51
CA SER A 773 21.05 -27.46 9.03
C SER A 773 22.37 -28.25 8.91
N PRO A 774 23.37 -27.76 8.12
CA PRO A 774 24.61 -28.55 7.90
C PRO A 774 25.44 -28.80 9.16
N THR A 775 25.42 -27.84 10.09
CA THR A 775 26.13 -27.95 11.37
C THR A 775 25.17 -27.65 12.52
N GLU A 776 25.37 -28.31 13.68
CA GLU A 776 24.59 -28.08 14.90
C GLU A 776 24.89 -26.65 15.40
N GLU A 777 26.09 -26.12 15.05
CA GLU A 777 26.54 -24.75 15.34
C GLU A 777 25.74 -23.75 14.50
N LYS A 778 25.20 -24.18 13.34
CA LYS A 778 24.34 -23.37 12.46
C LYS A 778 22.88 -23.56 12.83
N PHE A 779 22.51 -24.75 13.38
CA PHE A 779 21.17 -25.08 13.85
C PHE A 779 20.78 -24.18 15.03
N GLN A 780 21.77 -23.81 15.89
CA GLN A 780 21.59 -22.93 17.04
C GLN A 780 21.09 -21.54 16.62
N ALA A 781 21.56 -21.07 15.43
CA ALA A 781 21.19 -19.80 14.80
C ALA A 781 19.80 -19.88 14.15
N ALA A 782 19.40 -21.08 13.68
CA ALA A 782 18.09 -21.35 13.09
C ALA A 782 17.01 -21.36 14.18
N VAL A 783 17.36 -21.89 15.40
CA VAL A 783 16.48 -21.94 16.58
C VAL A 783 16.19 -20.48 16.97
N GLU A 784 17.26 -19.67 16.99
CA GLU A 784 17.29 -18.23 17.29
C GLU A 784 16.44 -17.46 16.26
N ARG A 785 16.64 -17.73 14.95
CA ARG A 785 15.88 -17.07 13.87
C ARG A 785 14.37 -17.41 13.95
N PHE A 786 14.03 -18.66 14.30
CA PHE A 786 12.64 -19.10 14.43
C PHE A 786 11.96 -18.47 15.61
N VAL A 787 12.61 -18.48 16.79
CA VAL A 787 12.00 -17.98 18.03
C VAL A 787 11.47 -16.54 17.86
N TYR A 788 12.20 -15.61 17.16
CA TYR A 788 11.61 -14.28 17.00
C TYR A 788 10.98 -14.02 15.60
N SER A 789 11.20 -14.89 14.57
CA SER A 789 10.47 -14.73 13.28
C SER A 789 9.01 -15.18 13.49
N CYS A 790 8.81 -16.09 14.44
CA CYS A 790 7.53 -16.60 14.88
C CYS A 790 6.87 -15.50 15.71
N ALA A 791 7.60 -14.96 16.73
CA ALA A 791 7.11 -13.89 17.61
C ALA A 791 6.58 -12.69 16.81
N GLY A 792 7.35 -12.26 15.82
CA GLY A 792 6.99 -11.16 14.91
C GLY A 792 5.63 -11.34 14.29
N TYR A 793 5.43 -12.48 13.58
CA TYR A 793 4.17 -12.84 12.91
C TYR A 793 3.05 -13.14 13.90
N CYS A 794 3.36 -13.46 15.17
CA CYS A 794 2.36 -13.73 16.22
C CYS A 794 1.62 -12.43 16.54
N VAL A 795 2.42 -11.38 16.81
CA VAL A 795 2.00 -10.01 17.17
C VAL A 795 1.25 -9.36 15.99
N ALA A 796 1.95 -9.22 14.82
CA ALA A 796 1.51 -8.63 13.56
C ALA A 796 0.14 -9.14 13.12
N THR A 797 0.01 -10.45 12.87
CA THR A 797 -1.26 -11.06 12.44
C THR A 797 -2.38 -10.76 13.44
N PHE A 798 -2.07 -10.75 14.75
CA PHE A 798 -3.07 -10.50 15.79
C PHE A 798 -3.63 -9.09 15.70
N VAL A 799 -2.72 -8.08 15.68
CA VAL A 799 -3.01 -6.64 15.54
C VAL A 799 -3.94 -6.39 14.31
N LEU A 800 -3.61 -7.01 13.14
CA LEU A 800 -4.35 -6.93 11.88
C LEU A 800 -5.53 -7.89 11.76
N GLY A 801 -5.70 -8.78 12.74
CA GLY A 801 -6.80 -9.76 12.76
C GLY A 801 -6.79 -10.73 11.61
N ILE A 802 -5.61 -11.28 11.32
CA ILE A 802 -5.35 -12.27 10.28
C ILE A 802 -4.45 -13.39 10.93
N GLY A 803 -4.75 -13.70 12.20
CA GLY A 803 -4.04 -14.68 13.01
C GLY A 803 -4.52 -16.12 12.87
N ASP A 804 -5.81 -16.30 12.52
CA ASP A 804 -6.47 -17.58 12.29
C ASP A 804 -6.28 -18.01 10.81
N ARG A 805 -5.20 -18.75 10.54
CA ARG A 805 -4.83 -19.20 9.20
C ARG A 805 -4.40 -20.67 9.20
N HIS A 806 -4.72 -21.41 8.11
CA HIS A 806 -4.28 -22.81 7.94
C HIS A 806 -2.75 -22.88 7.88
N ASN A 807 -2.11 -23.95 8.42
CA ASN A 807 -0.64 -24.07 8.44
C ASN A 807 -0.02 -24.29 7.04
N ASP A 808 -0.86 -24.30 5.98
CA ASP A 808 -0.45 -24.37 4.59
C ASP A 808 -0.03 -22.94 4.19
N ASN A 809 -0.79 -21.94 4.71
CA ASN A 809 -0.59 -20.50 4.52
C ASN A 809 0.58 -19.94 5.37
N ILE A 810 1.40 -20.81 6.01
CA ILE A 810 2.57 -20.43 6.83
C ILE A 810 3.80 -21.17 6.29
N MET A 811 4.93 -20.47 6.10
CA MET A 811 6.15 -21.08 5.57
C MET A 811 7.39 -20.90 6.46
N ILE A 812 8.50 -21.63 6.15
CA ILE A 812 9.77 -21.59 6.89
C ILE A 812 10.97 -21.86 5.97
N THR A 813 12.06 -21.13 6.20
CA THR A 813 13.28 -21.29 5.42
C THR A 813 14.16 -22.36 6.07
N GLU A 814 15.14 -22.90 5.30
CA GLU A 814 16.12 -23.87 5.82
C GLU A 814 16.97 -23.22 6.91
N THR A 815 16.99 -21.87 6.93
CA THR A 815 17.70 -21.05 7.93
C THR A 815 16.78 -20.72 9.12
N GLY A 816 15.60 -21.32 9.16
CA GLY A 816 14.65 -21.18 10.26
C GLY A 816 13.77 -19.95 10.34
N ASN A 817 13.74 -19.08 9.30
CA ASN A 817 12.85 -17.91 9.29
C ASN A 817 11.42 -18.30 8.88
N LEU A 818 10.42 -17.91 9.70
CA LEU A 818 8.99 -18.18 9.48
C LEU A 818 8.30 -16.98 8.80
N PHE A 819 7.22 -17.25 8.00
CA PHE A 819 6.46 -16.23 7.27
C PHE A 819 5.10 -16.67 6.75
N HIS A 820 4.07 -15.84 7.01
CA HIS A 820 2.68 -16.02 6.56
C HIS A 820 2.55 -15.63 5.08
N ILE A 821 1.70 -16.34 4.33
CA ILE A 821 1.51 -16.11 2.89
C ILE A 821 0.03 -15.99 2.51
N ASP A 822 -0.25 -15.81 1.23
CA ASP A 822 -1.59 -15.71 0.63
C ASP A 822 -2.63 -14.97 1.51
N PHE A 823 -2.38 -13.69 1.83
CA PHE A 823 -3.25 -12.87 2.70
C PHE A 823 -4.60 -12.54 2.12
N GLY A 824 -4.72 -12.49 0.80
CA GLY A 824 -5.97 -12.20 0.10
C GLY A 824 -6.97 -13.34 0.17
N HIS A 825 -6.46 -14.56 0.44
CA HIS A 825 -7.23 -15.81 0.56
C HIS A 825 -8.12 -15.75 1.80
N ILE A 826 -7.55 -15.40 2.96
CA ILE A 826 -8.28 -15.24 4.22
C ILE A 826 -9.14 -13.97 4.19
N LEU A 827 -8.69 -12.92 3.46
CA LEU A 827 -9.41 -11.65 3.37
C LEU A 827 -10.62 -11.70 2.43
N GLY A 828 -10.75 -12.80 1.68
CA GLY A 828 -11.90 -13.10 0.82
C GLY A 828 -12.81 -14.13 1.47
N ASN A 829 -13.40 -13.76 2.64
CA ASN A 829 -14.29 -14.57 3.47
C ASN A 829 -15.50 -13.73 3.99
N ARG A 840 -11.75 -21.13 16.90
CA ARG A 840 -11.08 -19.86 16.64
C ARG A 840 -9.85 -19.68 17.55
N VAL A 841 -8.72 -19.18 16.98
CA VAL A 841 -7.47 -18.95 17.73
C VAL A 841 -6.94 -17.49 17.53
N PRO A 842 -6.06 -16.94 18.43
CA PRO A 842 -5.59 -15.56 18.23
C PRO A 842 -4.60 -15.45 17.08
N PHE A 843 -3.63 -16.36 17.05
CA PHE A 843 -2.59 -16.46 16.03
C PHE A 843 -2.10 -17.91 15.92
N VAL A 844 -1.22 -18.18 14.95
CA VAL A 844 -0.73 -19.53 14.78
C VAL A 844 0.59 -19.72 15.57
N LEU A 845 0.44 -20.35 16.74
CA LEU A 845 1.47 -20.78 17.68
C LEU A 845 0.99 -22.20 18.01
N THR A 846 1.72 -23.21 17.50
CA THR A 846 1.31 -24.60 17.63
C THR A 846 2.32 -25.48 18.40
N PRO A 847 1.91 -26.67 18.91
CA PRO A 847 2.85 -27.51 19.69
C PRO A 847 4.16 -27.86 19.01
N ASP A 848 4.17 -27.91 17.65
CA ASP A 848 5.37 -28.18 16.85
C ASP A 848 6.36 -27.02 16.92
N PHE A 849 5.83 -25.77 17.01
CA PHE A 849 6.60 -24.54 17.16
C PHE A 849 7.07 -24.46 18.60
N LEU A 850 6.16 -24.74 19.57
CA LEU A 850 6.42 -24.77 21.01
C LEU A 850 7.48 -25.83 21.38
N PHE A 851 7.60 -26.91 20.53
CA PHE A 851 8.58 -28.01 20.63
C PHE A 851 9.99 -27.53 20.29
N VAL A 852 10.12 -26.59 19.33
CA VAL A 852 11.41 -26.02 18.92
C VAL A 852 11.96 -25.09 20.02
N MET A 853 11.06 -24.59 20.90
CA MET A 853 11.36 -23.74 22.05
C MET A 853 11.78 -24.61 23.26
N GLY A 854 11.10 -25.74 23.43
CA GLY A 854 11.36 -26.71 24.50
C GLY A 854 10.21 -26.87 25.47
N THR A 855 8.97 -26.60 25.01
CA THR A 855 7.77 -26.69 25.82
C THR A 855 6.79 -27.75 25.29
N SER A 856 6.31 -28.63 26.19
CA SER A 856 5.35 -29.69 25.86
C SER A 856 4.06 -29.54 26.68
N LYS A 859 3.98 -25.39 31.35
CA LYS A 859 5.40 -25.67 31.13
C LYS A 859 6.17 -24.48 30.56
N THR A 860 7.48 -24.43 30.83
CA THR A 860 8.39 -23.39 30.35
C THR A 860 9.77 -23.96 30.01
N SER A 861 10.54 -23.22 29.20
CA SER A 861 11.88 -23.58 28.77
C SER A 861 12.68 -22.27 28.58
N PRO A 862 14.04 -22.28 28.37
CA PRO A 862 14.75 -20.99 28.21
C PRO A 862 14.34 -20.19 26.97
N HIS A 863 14.00 -20.90 25.86
CA HIS A 863 13.59 -20.28 24.59
C HIS A 863 12.16 -19.75 24.60
N PHE A 864 11.19 -20.50 25.18
CA PHE A 864 9.80 -20.06 25.30
C PHE A 864 9.71 -18.83 26.22
N GLN A 865 10.55 -18.78 27.26
CA GLN A 865 10.67 -17.65 28.19
C GLN A 865 11.03 -16.42 27.35
N LYS A 866 12.05 -16.58 26.45
CA LYS A 866 12.57 -15.58 25.52
C LYS A 866 11.52 -15.16 24.49
N PHE A 867 10.73 -16.13 23.96
CA PHE A 867 9.66 -15.87 22.99
C PHE A 867 8.66 -14.84 23.55
N GLN A 868 8.11 -15.09 24.75
CA GLN A 868 7.16 -14.21 25.45
C GLN A 868 7.76 -12.82 25.71
N ASP A 869 9.04 -12.77 26.10
CA ASP A 869 9.79 -11.54 26.38
C ASP A 869 9.88 -10.62 25.14
N ILE A 870 10.09 -11.21 23.93
CA ILE A 870 10.15 -10.49 22.65
C ILE A 870 8.72 -10.10 22.26
N CYS A 871 7.75 -11.01 22.49
CA CYS A 871 6.33 -10.79 22.21
C CYS A 871 5.77 -9.59 22.95
N VAL A 872 6.07 -9.51 24.27
CA VAL A 872 5.62 -8.42 25.16
C VAL A 872 6.29 -7.11 24.73
N LYS A 873 7.63 -7.14 24.51
CA LYS A 873 8.40 -5.97 24.05
C LYS A 873 7.90 -5.48 22.67
N ALA A 874 7.37 -6.42 21.85
CA ALA A 874 6.82 -6.16 20.51
C ALA A 874 5.41 -5.56 20.55
N TYR A 875 4.46 -6.21 21.26
CA TYR A 875 3.06 -5.78 21.37
C TYR A 875 2.96 -4.41 22.00
N LEU A 876 3.86 -4.10 22.95
CA LEU A 876 3.89 -2.80 23.62
C LEU A 876 4.53 -1.74 22.72
N ALA A 877 5.49 -2.13 21.85
CA ALA A 877 6.16 -1.21 20.93
C ALA A 877 5.19 -0.68 19.85
N LEU A 878 4.27 -1.54 19.37
CA LEU A 878 3.24 -1.20 18.38
C LEU A 878 2.21 -0.27 19.00
N ARG A 879 1.93 -0.48 20.30
CA ARG A 879 1.01 0.32 21.12
C ARG A 879 1.46 1.78 21.30
N HIS A 880 2.78 2.09 21.23
CA HIS A 880 3.28 3.47 21.32
C HIS A 880 2.94 4.26 20.06
N HIS A 881 2.45 3.56 19.02
CA HIS A 881 2.06 4.07 17.70
C HIS A 881 0.60 3.66 17.43
N THR A 882 -0.27 3.71 18.45
CA THR A 882 -1.68 3.33 18.35
C THR A 882 -2.40 4.08 17.20
N ASN A 883 -2.37 5.42 17.22
CA ASN A 883 -3.03 6.27 16.23
C ASN A 883 -2.57 6.02 14.80
N LEU A 884 -1.25 5.82 14.54
CA LEU A 884 -0.77 5.51 13.17
C LEU A 884 -1.38 4.21 12.66
N LEU A 885 -1.28 3.15 13.46
CA LEU A 885 -1.81 1.83 13.12
C LEU A 885 -3.34 1.84 12.92
N ILE A 886 -4.06 2.62 13.72
CA ILE A 886 -5.50 2.78 13.61
C ILE A 886 -5.88 3.46 12.27
N ILE A 887 -5.19 4.55 11.85
CA ILE A 887 -5.56 5.17 10.56
C ILE A 887 -5.14 4.33 9.37
N LEU A 888 -3.94 3.75 9.40
CA LEU A 888 -3.47 2.86 8.34
C LEU A 888 -4.46 1.69 8.11
N PHE A 889 -4.91 1.05 9.21
CA PHE A 889 -5.86 -0.05 9.20
C PHE A 889 -7.22 0.38 8.65
N SER A 890 -7.84 1.43 9.22
CA SER A 890 -9.14 1.92 8.77
C SER A 890 -9.12 2.35 7.31
N MET A 891 -8.02 2.99 6.85
CA MET A 891 -7.82 3.38 5.45
C MET A 891 -7.67 2.18 4.56
N MET A 892 -6.86 1.17 4.98
CA MET A 892 -6.59 -0.08 4.26
C MET A 892 -7.87 -0.83 3.93
N LEU A 893 -8.76 -0.97 4.91
CA LEU A 893 -10.05 -1.61 4.77
C LEU A 893 -10.94 -0.83 3.76
N MET A 894 -11.04 0.51 3.91
CA MET A 894 -11.84 1.36 3.03
C MET A 894 -11.42 1.37 1.57
N THR A 895 -10.09 1.49 1.31
CA THR A 895 -9.52 1.58 -0.05
C THR A 895 -9.13 0.24 -0.70
N GLY A 896 -8.99 -0.82 0.10
CA GLY A 896 -8.52 -2.10 -0.43
C GLY A 896 -9.46 -3.28 -0.40
N MET A 897 -10.06 -3.54 0.76
CA MET A 897 -10.95 -4.68 0.94
C MET A 897 -12.39 -4.24 1.22
N PRO A 898 -13.28 -4.35 0.20
CA PRO A 898 -14.66 -3.86 0.37
C PRO A 898 -15.59 -4.79 1.13
N GLN A 899 -15.14 -6.02 1.39
CA GLN A 899 -15.87 -7.03 2.16
C GLN A 899 -15.98 -6.54 3.62
N LEU A 900 -14.84 -6.16 4.24
CA LEU A 900 -14.72 -5.69 5.62
C LEU A 900 -14.79 -4.14 5.75
N THR A 901 -15.90 -3.52 5.32
CA THR A 901 -16.06 -2.07 5.40
C THR A 901 -17.23 -1.63 6.28
N SER A 902 -17.42 -2.32 7.41
CA SER A 902 -18.46 -2.00 8.40
C SER A 902 -17.81 -1.20 9.55
N LYS A 903 -18.63 -0.47 10.33
CA LYS A 903 -18.17 0.29 11.51
C LYS A 903 -17.45 -0.65 12.49
N GLU A 904 -18.01 -1.88 12.65
CA GLU A 904 -17.49 -2.94 13.50
C GLU A 904 -16.16 -3.52 13.02
N ASP A 905 -16.02 -3.76 11.69
CA ASP A 905 -14.79 -4.31 11.08
C ASP A 905 -13.58 -3.42 11.29
N ILE A 906 -13.80 -2.10 11.13
CA ILE A 906 -12.81 -1.03 11.29
C ILE A 906 -12.35 -0.96 12.76
N GLU A 907 -13.30 -1.03 13.71
CA GLU A 907 -13.07 -0.95 15.15
C GLU A 907 -12.35 -2.15 15.78
N TYR A 908 -11.99 -3.19 14.97
CA TYR A 908 -11.25 -4.35 15.46
C TYR A 908 -9.87 -3.96 16.07
N ILE A 909 -9.12 -3.07 15.38
CA ILE A 909 -7.77 -2.58 15.75
C ILE A 909 -7.73 -1.94 17.15
N ARG A 910 -8.87 -1.40 17.62
CA ARG A 910 -9.03 -0.76 18.92
C ARG A 910 -8.85 -1.80 20.03
N ASP A 911 -9.69 -2.86 20.00
CA ASP A 911 -9.71 -3.99 20.93
C ASP A 911 -8.40 -4.80 20.85
N ALA A 912 -7.91 -5.08 19.63
CA ALA A 912 -6.66 -5.78 19.39
C ALA A 912 -5.50 -5.04 20.05
N LEU A 913 -5.33 -3.73 19.77
CA LEU A 913 -4.27 -2.89 20.36
C LEU A 913 -4.53 -2.49 21.83
N THR A 914 -5.78 -2.72 22.32
CA THR A 914 -6.24 -2.40 23.69
C THR A 914 -5.96 -0.93 24.00
N VAL A 915 -6.77 -0.06 23.39
CA VAL A 915 -6.66 1.39 23.53
C VAL A 915 -7.22 1.80 24.88
N GLY A 916 -6.48 2.70 25.55
CA GLY A 916 -6.83 3.24 26.85
C GLY A 916 -6.31 2.43 28.03
N LYS A 917 -6.10 1.12 27.80
CA LYS A 917 -5.62 0.17 28.80
C LYS A 917 -4.20 0.50 29.24
N ASN A 918 -3.91 0.23 30.53
CA ASN A 918 -2.61 0.50 31.16
C ASN A 918 -1.57 -0.42 30.55
N GLU A 919 -0.31 0.07 30.42
CA GLU A 919 0.80 -0.67 29.83
C GLU A 919 1.01 -2.07 30.46
N GLU A 920 0.88 -2.16 31.79
CA GLU A 920 1.04 -3.43 32.51
C GLU A 920 -0.19 -4.34 32.35
N ASP A 921 -1.42 -3.76 32.31
CA ASP A 921 -2.71 -4.46 32.15
C ASP A 921 -2.84 -5.13 30.77
N ALA A 922 -2.34 -4.45 29.72
CA ALA A 922 -2.35 -4.93 28.33
C ALA A 922 -1.22 -5.95 28.07
N LYS A 923 -0.07 -5.82 28.81
CA LYS A 923 1.07 -6.75 28.74
C LYS A 923 0.63 -8.15 29.18
N LYS A 924 -0.43 -8.20 30.02
CA LYS A 924 -1.08 -9.40 30.53
C LYS A 924 -2.02 -9.95 29.47
N TYR A 925 -2.78 -9.06 28.78
CA TYR A 925 -3.74 -9.41 27.73
C TYR A 925 -3.10 -10.23 26.59
N PHE A 926 -1.86 -9.89 26.20
CA PHE A 926 -1.13 -10.61 25.17
C PHE A 926 -0.59 -11.95 25.68
N LEU A 927 0.00 -11.99 26.92
CA LEU A 927 0.52 -13.21 27.56
C LEU A 927 -0.61 -14.22 27.81
N ASP A 928 -1.85 -13.70 27.99
CA ASP A 928 -3.11 -14.44 28.15
C ASP A 928 -3.57 -14.95 26.78
N GLN A 929 -3.31 -14.17 25.70
CA GLN A 929 -3.64 -14.57 24.33
C GLN A 929 -2.79 -15.75 23.88
N ILE A 930 -1.50 -15.76 24.28
CA ILE A 930 -0.53 -16.84 24.01
C ILE A 930 -1.05 -18.15 24.63
N GLU A 931 -1.66 -18.04 25.85
CA GLU A 931 -2.22 -19.16 26.60
C GLU A 931 -3.46 -19.78 25.92
N VAL A 932 -4.17 -19.01 25.07
CA VAL A 932 -5.33 -19.52 24.30
C VAL A 932 -4.81 -20.50 23.23
N CYS A 933 -3.53 -20.33 22.82
CA CYS A 933 -2.82 -21.17 21.85
C CYS A 933 -2.36 -22.46 22.53
N ARG A 934 -1.97 -22.37 23.82
CA ARG A 934 -1.55 -23.50 24.64
C ARG A 934 -2.79 -24.36 24.98
N ASP A 935 -3.94 -23.70 25.21
CA ASP A 935 -5.28 -24.27 25.48
C ASP A 935 -5.70 -25.11 24.26
N LYS A 936 -5.59 -24.51 23.06
CA LYS A 936 -5.96 -25.08 21.78
C LYS A 936 -4.70 -25.39 20.97
N GLY A 937 -4.08 -26.54 21.27
CA GLY A 937 -2.85 -26.99 20.61
C GLY A 937 -2.99 -27.17 19.11
N TRP A 938 -3.79 -28.17 18.69
CA TRP A 938 -4.06 -28.51 17.29
C TRP A 938 -5.56 -28.46 16.97
N THR A 939 -6.39 -28.03 17.93
CA THR A 939 -7.85 -27.98 17.85
C THR A 939 -8.44 -27.39 16.55
N VAL A 940 -7.92 -26.21 16.08
CA VAL A 940 -8.44 -25.60 14.84
C VAL A 940 -7.46 -25.86 13.66
N GLN A 941 -6.18 -26.25 13.91
CA GLN A 941 -5.28 -26.61 12.79
C GLN A 941 -5.79 -27.90 12.14
N PHE A 942 -6.45 -28.76 12.95
CA PHE A 942 -7.10 -30.01 12.57
C PHE A 942 -8.46 -29.68 11.92
N ASN A 943 -9.16 -28.66 12.45
CA ASN A 943 -10.45 -28.19 11.96
C ASN A 943 -10.31 -27.51 10.59
N TRP A 944 -9.21 -26.73 10.38
CA TRP A 944 -8.84 -26.04 9.14
C TRP A 944 -8.55 -27.06 8.06
N PHE A 945 -7.66 -28.04 8.38
CA PHE A 945 -7.26 -29.16 7.52
C PHE A 945 -8.49 -29.99 7.10
N LEU A 946 -9.47 -30.10 8.02
CA LEU A 946 -10.72 -30.79 7.78
C LEU A 946 -11.63 -29.91 6.92
N HIS A 947 -11.65 -28.58 7.17
CA HIS A 947 -12.49 -27.58 6.48
C HIS A 947 -12.14 -27.39 5.01
N LEU A 948 -10.83 -27.32 4.70
CA LEU A 948 -10.36 -27.11 3.32
C LEU A 948 -10.56 -28.36 2.43
N VAL A 949 -11.09 -29.45 3.03
CA VAL A 949 -11.46 -30.74 2.44
C VAL A 949 -12.92 -31.06 2.95
N LEU A 950 -13.71 -29.97 3.21
CA LEU A 950 -15.09 -29.89 3.74
C LEU A 950 -15.18 -30.29 5.22
O2 1UJ B . 8.20 -22.30 -2.40
C7 1UJ B . 9.13 -21.52 -2.19
C8 1UJ B . 10.56 -21.93 -2.33
N1 1UJ B . 8.92 -20.21 -1.80
C6 1UJ B . 7.70 -19.54 -1.73
N 1UJ B . 7.66 -18.33 -1.27
S 1UJ B . 6.19 -20.26 -2.23
C9 1UJ B . 5.40 -18.77 -1.81
C5 1UJ B . 6.35 -17.86 -1.30
C4 1UJ B . 5.91 -16.61 -0.90
C3 1UJ B . 4.57 -16.27 -1.01
C10 1UJ B . 4.05 -18.45 -1.92
C2 1UJ B . 3.63 -17.17 -1.53
C1 1UJ B . 2.21 -16.77 -1.74
O1 1UJ B . 1.73 -15.72 -1.37
O 1UJ B . 1.51 -17.70 -2.40
C 1UJ B . 0.15 -17.35 -2.79
S SO4 C . 8.67 -0.98 -1.11
O1 SO4 C . 9.26 -2.27 -0.76
O2 SO4 C . 8.32 -0.96 -2.51
O3 SO4 C . 9.63 0.07 -0.82
O4 SO4 C . 7.45 -0.76 -0.35
#